data_1WRV
#
_entry.id   1WRV
#
_cell.length_a   143.410
_cell.length_b   143.410
_cell.length_c   116.220
_cell.angle_alpha   90.00
_cell.angle_beta   90.00
_cell.angle_gamma   90.00
#
_symmetry.space_group_name_H-M   'P 41 21 2'
#
loop_
_entity.id
_entity.type
_entity.pdbx_description
1 polymer 'Branched-Chain Amino Acid Aminotransferase'
2 non-polymer 'CHLORIDE ION'
3 non-polymer "PYRIDOXAL-5'-PHOSPHATE"
4 non-polymer (4S)-2-METHYL-2,4-PENTANEDIOL
5 water water
#
_entity_poly.entity_id   1
_entity_poly.type   'polypeptide(L)'
_entity_poly.pdbx_seq_one_letter_code
;MQIKAGLIWMNGAFVPQEEAKTSVLSHALHYGTSVFEGIRAYETAKGPAIFRLKEHVKRFYNSAKVLRMEIPFAPEELEE
AIKEVVRRNGYRSCYIRPLAWMGAKALGVNPLPNNPAEVMVAAWEWGAYLGEEAVRKGARLITSSWARFPANVMPGKAKV
GGNYVNSALAKMEAVAAGADEALLLDEEGYVAEGSGENLFFVRDGVIYALEHSVNLEGITRDSVIRIAKDLGYEVQVVRA
TRDQLYMADEVFMTGTAAEVTPVSMIDWRPIGKGTAGPVALRLREVYLEAVTGRRPEYEGWLTYVNGQ
;
_entity_poly.pdbx_strand_id   A,B,C
#
# COMPACT_ATOMS: atom_id res chain seq x y z
N GLN A 2 14.64 19.76 36.55
CA GLN A 2 14.40 21.06 35.86
C GLN A 2 12.93 21.24 35.48
N ILE A 3 12.14 20.16 35.56
CA ILE A 3 10.73 20.21 35.21
C ILE A 3 9.87 20.75 36.35
N LYS A 4 9.08 21.77 36.05
CA LYS A 4 8.20 22.37 37.04
C LYS A 4 6.82 21.72 36.99
N ALA A 5 6.77 20.47 37.43
CA ALA A 5 5.52 19.70 37.42
C ALA A 5 4.62 20.00 38.61
N GLY A 6 5.21 20.17 39.79
CA GLY A 6 4.42 20.45 40.97
C GLY A 6 3.80 19.20 41.55
N LEU A 7 2.50 19.25 41.83
CA LEU A 7 1.78 18.11 42.39
C LEU A 7 1.59 17.04 41.32
N ILE A 8 2.04 15.83 41.63
CA ILE A 8 1.93 14.70 40.71
C ILE A 8 1.06 13.59 41.29
N TRP A 9 0.17 13.05 40.46
CA TRP A 9 -0.71 11.97 40.88
C TRP A 9 0.10 10.67 40.82
N MET A 10 0.27 10.04 41.98
CA MET A 10 1.02 8.78 42.10
C MET A 10 0.16 7.63 42.60
N ASN A 11 -0.18 6.71 41.69
CA ASN A 11 -0.99 5.55 41.99
C ASN A 11 -2.15 5.78 42.96
N GLY A 12 -2.98 6.79 42.68
CA GLY A 12 -4.13 7.04 43.53
C GLY A 12 -4.19 8.34 44.31
N ALA A 13 -3.05 8.95 44.58
CA ALA A 13 -3.02 10.18 45.35
C ALA A 13 -1.96 11.17 44.89
N PHE A 14 -2.23 12.45 45.10
CA PHE A 14 -1.27 13.48 44.72
C PHE A 14 -0.20 13.65 45.76
N VAL A 15 1.03 13.88 45.29
CA VAL A 15 2.18 14.09 46.14
C VAL A 15 3.08 15.14 45.51
N PRO A 16 3.90 15.82 46.33
CA PRO A 16 4.79 16.85 45.78
C PRO A 16 5.77 16.19 44.81
N GLN A 17 6.18 16.93 43.79
CA GLN A 17 7.12 16.42 42.79
C GLN A 17 8.27 15.67 43.44
N GLU A 18 8.85 16.29 44.46
CA GLU A 18 9.98 15.73 45.21
C GLU A 18 9.73 14.29 45.66
N GLU A 19 8.49 13.98 45.99
CA GLU A 19 8.11 12.65 46.48
C GLU A 19 7.71 11.67 45.38
N ALA A 20 7.60 12.17 44.15
CA ALA A 20 7.22 11.32 43.02
C ALA A 20 8.43 10.57 42.44
N LYS A 21 8.88 9.55 43.16
CA LYS A 21 10.02 8.75 42.72
C LYS A 21 9.69 7.26 42.72
N THR A 22 10.50 6.48 42.01
CA THR A 22 10.29 5.05 41.91
C THR A 22 11.63 4.33 42.04
N SER A 23 11.58 3.06 42.46
CA SER A 23 12.80 2.29 42.63
C SER A 23 13.64 2.22 41.36
N VAL A 24 14.96 2.32 41.51
CA VAL A 24 15.85 2.23 40.37
C VAL A 24 15.89 0.78 39.90
N LEU A 25 15.16 -0.10 40.58
CA LEU A 25 15.10 -1.50 40.18
C LEU A 25 13.80 -1.74 39.40
N SER A 26 13.12 -0.66 39.04
CA SER A 26 11.89 -0.77 38.28
C SER A 26 12.16 -1.37 36.91
N HIS A 27 11.40 -2.39 36.57
CA HIS A 27 11.52 -3.10 35.30
C HIS A 27 11.62 -2.13 34.13
N ALA A 28 10.76 -1.11 34.13
CA ALA A 28 10.74 -0.14 33.04
C ALA A 28 11.99 0.72 32.87
N LEU A 29 12.74 0.93 33.95
CA LEU A 29 13.95 1.73 33.86
C LEU A 29 15.07 0.90 33.22
N HIS A 30 14.92 -0.41 33.27
CA HIS A 30 15.90 -1.33 32.71
C HIS A 30 15.54 -1.88 31.34
N TYR A 31 14.24 -2.09 31.11
CA TYR A 31 13.81 -2.70 29.85
C TYR A 31 12.80 -1.93 29.00
N GLY A 32 12.58 -0.65 29.30
CA GLY A 32 11.68 0.17 28.52
C GLY A 32 10.20 -0.20 28.53
N THR A 33 9.83 -1.00 29.53
CA THR A 33 8.46 -1.47 29.66
C THR A 33 7.50 -0.50 30.34
N SER A 34 7.25 0.62 29.66
CA SER A 34 6.32 1.62 30.16
C SER A 34 5.47 2.08 28.99
N VAL A 35 4.37 2.76 29.28
CA VAL A 35 3.52 3.31 28.24
C VAL A 35 3.16 4.71 28.69
N PHE A 36 3.03 5.64 27.75
CA PHE A 36 2.71 6.99 28.13
C PHE A 36 1.82 7.65 27.12
N GLU A 37 1.38 8.85 27.46
CA GLU A 37 0.55 9.64 26.57
C GLU A 37 1.00 11.08 26.65
N GLY A 38 0.59 11.86 25.65
CA GLY A 38 0.89 13.27 25.59
C GLY A 38 -0.45 13.90 25.36
N ILE A 39 -0.93 14.67 26.34
CA ILE A 39 -2.24 15.31 26.26
C ILE A 39 -2.08 16.79 26.59
N ARG A 40 -2.85 17.63 25.92
CA ARG A 40 -2.76 19.05 26.19
C ARG A 40 -4.05 19.68 26.63
N ALA A 41 -3.92 20.71 27.45
CA ALA A 41 -5.06 21.48 27.91
C ALA A 41 -4.76 22.88 27.39
N TYR A 42 -5.77 23.54 26.85
CA TYR A 42 -5.63 24.89 26.33
C TYR A 42 -6.60 25.80 27.06
N GLU A 43 -6.25 27.07 27.16
CA GLU A 43 -7.15 28.00 27.83
C GLU A 43 -8.26 28.39 26.86
N THR A 44 -9.47 28.51 27.37
CA THR A 44 -10.62 28.90 26.57
C THR A 44 -11.38 29.95 27.36
N ALA A 45 -12.41 30.53 26.76
CA ALA A 45 -13.21 31.54 27.44
C ALA A 45 -13.87 30.93 28.67
N LYS A 46 -14.05 29.61 28.63
CA LYS A 46 -14.68 28.89 29.74
C LYS A 46 -13.69 28.07 30.56
N GLY A 47 -12.44 28.52 30.62
CA GLY A 47 -11.44 27.82 31.39
C GLY A 47 -10.65 26.78 30.61
N PRO A 48 -9.71 26.09 31.27
CA PRO A 48 -8.89 25.07 30.61
C PRO A 48 -9.73 23.94 30.01
N ALA A 49 -9.34 23.51 28.82
CA ALA A 49 -10.03 22.42 28.15
C ALA A 49 -8.99 21.43 27.67
N ILE A 50 -9.19 20.18 28.02
CA ILE A 50 -8.28 19.11 27.62
C ILE A 50 -8.76 18.62 26.27
N PHE A 51 -7.83 18.49 25.33
CA PHE A 51 -8.18 18.06 23.98
C PHE A 51 -8.21 16.56 23.76
N ARG A 52 -9.38 16.07 23.32
CA ARG A 52 -9.62 14.66 23.03
C ARG A 52 -9.09 13.71 24.11
N LEU A 53 -9.51 13.99 25.33
CA LEU A 53 -9.13 13.21 26.51
C LEU A 53 -9.48 11.74 26.36
N LYS A 54 -10.71 11.48 25.92
CA LYS A 54 -11.20 10.12 25.71
C LYS A 54 -10.30 9.31 24.80
N GLU A 55 -9.99 9.86 23.63
CA GLU A 55 -9.14 9.18 22.66
C GLU A 55 -7.76 8.89 23.23
N HIS A 56 -7.19 9.84 23.95
CA HIS A 56 -5.87 9.63 24.52
C HIS A 56 -5.86 8.55 25.59
N VAL A 57 -6.86 8.56 26.46
CA VAL A 57 -6.92 7.54 27.50
C VAL A 57 -7.14 6.15 26.89
N LYS A 58 -7.98 6.07 25.86
CA LYS A 58 -8.23 4.79 25.19
C LYS A 58 -6.91 4.24 24.65
N ARG A 59 -6.11 5.11 24.05
CA ARG A 59 -4.83 4.68 23.50
C ARG A 59 -3.86 4.30 24.61
N PHE A 60 -3.99 4.96 25.76
CA PHE A 60 -3.14 4.68 26.90
C PHE A 60 -3.37 3.22 27.30
N TYR A 61 -4.64 2.84 27.41
CA TYR A 61 -4.98 1.47 27.77
C TYR A 61 -4.67 0.49 26.65
N ASN A 62 -4.81 0.95 25.41
CA ASN A 62 -4.50 0.09 24.27
C ASN A 62 -2.99 -0.19 24.24
N SER A 63 -2.19 0.81 24.57
CA SER A 63 -0.75 0.63 24.60
C SER A 63 -0.38 -0.41 25.67
N ALA A 64 -1.03 -0.31 26.82
CA ALA A 64 -0.76 -1.26 27.90
C ALA A 64 -1.09 -2.68 27.47
N LYS A 65 -2.20 -2.84 26.75
CA LYS A 65 -2.60 -4.17 26.28
C LYS A 65 -1.54 -4.79 25.39
N VAL A 66 -0.88 -3.99 24.58
CA VAL A 66 0.16 -4.51 23.71
C VAL A 66 1.25 -5.19 24.55
N LEU A 67 1.57 -4.60 25.71
CA LEU A 67 2.59 -5.15 26.59
C LEU A 67 2.01 -6.14 27.59
N ARG A 68 0.71 -6.38 27.49
CA ARG A 68 0.02 -7.26 28.43
C ARG A 68 0.22 -6.69 29.82
N MET A 69 0.27 -5.36 29.87
CA MET A 69 0.44 -4.60 31.11
C MET A 69 -0.94 -4.33 31.69
N GLU A 70 -1.08 -4.53 33.00
CA GLU A 70 -2.35 -4.29 33.66
C GLU A 70 -2.33 -2.95 34.39
N ILE A 71 -3.26 -2.08 34.05
CA ILE A 71 -3.37 -0.78 34.69
C ILE A 71 -4.45 -0.93 35.77
N PRO A 72 -4.04 -0.92 37.05
CA PRO A 72 -4.93 -1.08 38.20
C PRO A 72 -5.88 0.06 38.52
N PHE A 73 -6.38 0.73 37.47
CA PHE A 73 -7.33 1.83 37.64
C PHE A 73 -8.28 1.80 36.46
N ALA A 74 -9.50 2.26 36.69
CA ALA A 74 -10.49 2.31 35.62
C ALA A 74 -10.21 3.56 34.79
N PRO A 75 -10.44 3.50 33.47
CA PRO A 75 -10.18 4.67 32.61
C PRO A 75 -10.80 5.95 33.20
N GLU A 76 -11.96 5.80 33.82
CA GLU A 76 -12.68 6.92 34.43
C GLU A 76 -11.88 7.54 35.57
N GLU A 77 -11.16 6.70 36.32
CA GLU A 77 -10.36 7.20 37.43
C GLU A 77 -9.14 7.95 36.91
N LEU A 78 -8.56 7.45 35.82
CA LEU A 78 -7.41 8.12 35.22
C LEU A 78 -7.84 9.44 34.62
N GLU A 79 -9.05 9.46 34.05
CA GLU A 79 -9.59 10.67 33.45
C GLU A 79 -9.80 11.74 34.53
N GLU A 80 -10.23 11.32 35.72
CA GLU A 80 -10.44 12.25 36.84
C GLU A 80 -9.09 12.79 37.31
N ALA A 81 -8.09 11.91 37.38
CA ALA A 81 -6.76 12.29 37.81
C ALA A 81 -6.14 13.30 36.85
N ILE A 82 -6.41 13.13 35.55
CA ILE A 82 -5.86 14.04 34.55
C ILE A 82 -6.51 15.42 34.69
N LYS A 83 -7.79 15.46 35.02
CA LYS A 83 -8.46 16.74 35.20
C LYS A 83 -7.94 17.40 36.48
N GLU A 84 -7.77 16.60 37.52
CA GLU A 84 -7.28 17.09 38.80
C GLU A 84 -5.84 17.60 38.72
N VAL A 85 -5.00 16.96 37.92
CA VAL A 85 -3.61 17.42 37.82
C VAL A 85 -3.57 18.83 37.28
N VAL A 86 -4.55 19.17 36.45
CA VAL A 86 -4.63 20.52 35.88
C VAL A 86 -5.13 21.46 36.97
N ARG A 87 -6.24 21.09 37.59
CA ARG A 87 -6.84 21.92 38.64
C ARG A 87 -5.91 22.18 39.83
N ARG A 88 -5.46 21.10 40.45
CA ARG A 88 -4.59 21.19 41.62
C ARG A 88 -3.32 22.02 41.47
N ASN A 89 -2.84 22.19 40.24
CA ASN A 89 -1.65 22.97 40.02
C ASN A 89 -1.94 24.36 39.46
N GLY A 90 -3.22 24.66 39.28
CA GLY A 90 -3.62 25.95 38.76
C GLY A 90 -3.17 26.19 37.34
N TYR A 91 -3.10 25.11 36.57
CA TYR A 91 -2.67 25.22 35.18
C TYR A 91 -3.86 25.60 34.28
N ARG A 92 -3.54 26.24 33.16
CA ARG A 92 -4.55 26.58 32.16
C ARG A 92 -4.05 25.99 30.84
N SER A 93 -2.87 26.40 30.38
CA SER A 93 -2.29 25.85 29.16
C SER A 93 -1.16 24.94 29.62
N CYS A 94 -1.33 23.64 29.44
CA CYS A 94 -0.31 22.71 29.91
C CYS A 94 -0.19 21.43 29.12
N TYR A 95 0.91 20.73 29.33
CA TYR A 95 1.16 19.44 28.69
C TYR A 95 0.99 18.42 29.81
N ILE A 96 0.20 17.39 29.55
CA ILE A 96 -0.08 16.35 30.52
C ILE A 96 0.55 15.03 30.09
N ARG A 97 1.33 14.44 30.99
CA ARG A 97 2.01 13.20 30.71
C ARG A 97 1.63 12.03 31.62
N PRO A 98 0.66 11.21 31.20
CA PRO A 98 0.28 10.05 32.02
C PRO A 98 1.37 9.01 31.73
N LEU A 99 1.72 8.20 32.71
CA LEU A 99 2.77 7.21 32.52
C LEU A 99 2.48 5.97 33.36
N ALA A 100 2.50 4.80 32.72
CA ALA A 100 2.29 3.53 33.42
C ALA A 100 3.58 2.78 33.20
N TRP A 101 4.15 2.22 34.26
CA TRP A 101 5.40 1.49 34.12
C TRP A 101 5.46 0.25 34.99
N MET A 102 6.21 -0.74 34.53
CA MET A 102 6.38 -1.97 35.29
C MET A 102 7.35 -1.67 36.42
N GLY A 103 6.96 -2.09 37.63
CA GLY A 103 7.75 -1.83 38.83
C GLY A 103 8.95 -2.72 39.15
N ALA A 104 9.36 -2.68 40.42
CA ALA A 104 10.53 -3.42 40.89
C ALA A 104 10.30 -4.77 41.57
N LYS A 105 9.26 -5.48 41.18
CA LYS A 105 9.00 -6.78 41.80
C LYS A 105 10.03 -7.82 41.37
N ALA A 106 10.53 -7.71 40.14
CA ALA A 106 11.50 -8.65 39.62
C ALA A 106 12.19 -8.05 38.39
N LEU A 107 13.34 -8.59 38.03
CA LEU A 107 14.06 -8.07 36.87
C LEU A 107 14.29 -9.07 35.75
N GLY A 108 13.47 -10.10 35.69
CA GLY A 108 13.58 -11.04 34.57
C GLY A 108 13.01 -10.20 33.45
N VAL A 109 13.39 -10.44 32.20
CA VAL A 109 12.87 -9.61 31.12
C VAL A 109 11.36 -9.71 30.91
N ASN A 110 10.77 -10.84 31.29
CA ASN A 110 9.32 -11.01 31.16
C ASN A 110 8.69 -10.05 32.16
N PRO A 111 7.85 -9.11 31.70
CA PRO A 111 7.24 -8.17 32.64
C PRO A 111 5.97 -8.65 33.36
N LEU A 112 5.38 -9.75 32.91
CA LEU A 112 4.14 -10.24 33.54
C LEU A 112 4.20 -10.35 35.06
N PRO A 113 5.30 -10.88 35.62
CA PRO A 113 5.40 -11.01 37.08
C PRO A 113 5.40 -9.67 37.83
N ASN A 114 5.58 -8.57 37.10
CA ASN A 114 5.61 -7.25 37.72
C ASN A 114 4.25 -6.56 37.76
N ASN A 115 3.24 -7.16 37.13
CA ASN A 115 1.90 -6.58 37.14
C ASN A 115 1.33 -6.57 38.55
N PRO A 116 0.47 -5.60 38.87
CA PRO A 116 0.02 -4.55 37.96
C PRO A 116 1.03 -3.41 37.84
N ALA A 117 0.90 -2.62 36.78
CA ALA A 117 1.79 -1.50 36.55
C ALA A 117 1.54 -0.39 37.56
N GLU A 118 2.55 0.45 37.74
CA GLU A 118 2.44 1.60 38.61
C GLU A 118 1.98 2.70 37.65
N VAL A 119 1.25 3.68 38.15
CA VAL A 119 0.76 4.74 37.29
C VAL A 119 0.97 6.10 37.91
N MET A 120 1.30 7.07 37.08
CA MET A 120 1.55 8.43 37.53
C MET A 120 1.05 9.40 36.47
N VAL A 121 0.60 10.58 36.89
CA VAL A 121 0.16 11.59 35.95
C VAL A 121 0.78 12.91 36.39
N ALA A 122 1.54 13.52 35.48
CA ALA A 122 2.20 14.78 35.77
C ALA A 122 1.83 15.76 34.67
N ALA A 123 1.98 17.04 34.95
CA ALA A 123 1.69 18.06 33.97
C ALA A 123 2.51 19.30 34.25
N TRP A 124 2.75 20.10 33.23
CA TRP A 124 3.50 21.32 33.39
C TRP A 124 3.07 22.36 32.38
N GLU A 125 3.24 23.63 32.75
CA GLU A 125 2.86 24.76 31.90
C GLU A 125 3.55 24.73 30.55
N TRP A 126 2.80 25.06 29.50
CA TRP A 126 3.36 25.08 28.16
C TRP A 126 3.90 26.47 27.79
N VAL A 135 7.03 29.89 12.74
CA VAL A 135 5.86 29.10 12.26
C VAL A 135 5.72 29.20 10.76
N ARG A 136 5.71 30.43 10.25
CA ARG A 136 5.61 30.65 8.82
C ARG A 136 6.91 30.20 8.17
N LYS A 137 8.03 30.39 8.86
CA LYS A 137 9.34 29.99 8.34
C LYS A 137 9.36 28.49 8.08
N GLY A 138 8.58 27.74 8.87
CA GLY A 138 8.52 26.31 8.71
C GLY A 138 9.67 25.56 9.34
N ALA A 139 9.42 24.28 9.62
CA ALA A 139 10.44 23.42 10.22
C ALA A 139 11.30 22.81 9.12
N ARG A 140 12.57 22.54 9.45
CA ARG A 140 13.49 21.93 8.50
C ARG A 140 13.73 20.49 8.97
N LEU A 141 13.56 19.54 8.07
CA LEU A 141 13.77 18.14 8.41
C LEU A 141 14.95 17.55 7.65
N ILE A 142 15.47 16.47 8.17
CA ILE A 142 16.54 15.75 7.50
C ILE A 142 16.14 14.29 7.66
N THR A 143 16.28 13.52 6.58
CA THR A 143 15.92 12.12 6.62
C THR A 143 16.96 11.40 7.47
N SER A 144 16.49 10.61 8.42
CA SER A 144 17.36 9.88 9.34
C SER A 144 18.01 8.62 8.79
N SER A 145 19.12 8.23 9.40
CA SER A 145 19.83 7.02 9.03
C SER A 145 19.28 5.87 9.89
N TRP A 146 18.33 6.20 10.75
CA TRP A 146 17.67 5.19 11.57
C TRP A 146 16.28 5.01 10.99
N ALA A 147 15.90 3.76 10.72
CA ALA A 147 14.58 3.47 10.17
C ALA A 147 13.60 3.18 11.29
N ARG A 148 12.34 3.60 11.12
CA ARG A 148 11.35 3.30 12.13
C ARG A 148 11.17 1.79 12.10
N PHE A 149 11.03 1.19 13.27
CA PHE A 149 10.90 -0.25 13.40
C PHE A 149 9.76 -0.94 12.66
N PRO A 150 10.06 -2.12 12.07
CA PRO A 150 9.05 -2.87 11.34
C PRO A 150 7.94 -3.23 12.35
N ALA A 151 6.75 -3.50 11.84
CA ALA A 151 5.60 -3.81 12.67
C ALA A 151 5.69 -5.09 13.49
N ASN A 152 6.74 -5.88 13.27
CA ASN A 152 6.92 -7.12 14.02
C ASN A 152 8.22 -7.06 14.82
N VAL A 153 8.71 -5.84 15.03
CA VAL A 153 9.95 -5.62 15.78
C VAL A 153 9.63 -4.85 17.07
N MET A 154 8.89 -3.76 16.93
CA MET A 154 8.45 -2.96 18.07
C MET A 154 7.01 -2.58 17.73
N PRO A 155 6.14 -2.44 18.74
CA PRO A 155 4.73 -2.09 18.55
C PRO A 155 4.57 -0.61 18.20
N GLY A 156 4.64 -0.33 16.90
CA GLY A 156 4.54 1.04 16.42
C GLY A 156 3.24 1.77 16.56
N LYS A 157 2.18 1.07 16.97
CA LYS A 157 0.89 1.72 17.15
C LYS A 157 0.69 2.10 18.61
N ALA A 158 1.68 1.75 19.44
CA ALA A 158 1.59 2.05 20.86
C ALA A 158 2.69 3.00 21.30
N LYS A 159 2.40 3.78 22.34
CA LYS A 159 3.40 4.70 22.88
C LYS A 159 4.12 3.95 24.01
N VAL A 160 4.93 2.98 23.62
CA VAL A 160 5.71 2.17 24.55
C VAL A 160 7.06 2.82 24.73
N GLY A 161 7.47 2.99 25.98
CA GLY A 161 8.74 3.62 26.30
C GLY A 161 9.94 3.20 25.46
N GLY A 162 10.19 1.90 25.39
CA GLY A 162 11.33 1.40 24.62
C GLY A 162 11.39 1.87 23.18
N ASN A 163 10.22 2.06 22.58
CA ASN A 163 10.13 2.51 21.19
C ASN A 163 10.91 3.79 20.97
N TYR A 164 10.95 4.64 21.98
CA TYR A 164 11.58 5.93 21.80
C TYR A 164 13.09 6.02 21.77
N VAL A 165 13.76 4.87 21.87
CA VAL A 165 15.20 4.86 21.75
C VAL A 165 15.44 5.15 20.27
N ASN A 166 14.55 4.62 19.43
CA ASN A 166 14.62 4.81 17.99
C ASN A 166 14.40 6.29 17.69
N SER A 167 13.38 6.87 18.31
CA SER A 167 13.07 8.28 18.12
C SER A 167 14.20 9.17 18.65
N ALA A 168 14.75 8.81 19.79
CA ALA A 168 15.84 9.58 20.39
C ALA A 168 17.06 9.62 19.48
N LEU A 169 17.43 8.46 18.95
CA LEU A 169 18.57 8.37 18.06
C LEU A 169 18.34 9.24 16.83
N ALA A 170 17.14 9.17 16.26
CA ALA A 170 16.81 9.94 15.08
C ALA A 170 16.82 11.44 15.35
N LYS A 171 16.16 11.87 16.44
CA LYS A 171 16.09 13.28 16.78
C LYS A 171 17.48 13.87 17.02
N MET A 172 18.31 13.11 17.72
CA MET A 172 19.68 13.51 18.04
C MET A 172 20.48 13.74 16.75
N GLU A 173 20.33 12.83 15.80
CA GLU A 173 21.01 12.92 14.52
C GLU A 173 20.57 14.13 13.72
N ALA A 174 19.26 14.37 13.70
CA ALA A 174 18.70 15.49 12.97
C ALA A 174 19.17 16.84 13.53
N VAL A 175 19.16 16.97 14.86
CA VAL A 175 19.58 18.21 15.48
C VAL A 175 21.08 18.44 15.28
N ALA A 176 21.86 17.36 15.33
CA ALA A 176 23.30 17.46 15.13
C ALA A 176 23.60 17.91 13.71
N ALA A 177 22.72 17.57 12.78
CA ALA A 177 22.90 17.93 11.38
C ALA A 177 22.39 19.33 11.08
N GLY A 178 21.82 19.99 12.09
CA GLY A 178 21.32 21.34 11.91
C GLY A 178 19.84 21.48 11.57
N ALA A 179 19.09 20.40 11.70
CA ALA A 179 17.67 20.38 11.39
C ALA A 179 16.82 20.49 12.66
N ASP A 180 15.54 20.77 12.50
CA ASP A 180 14.64 20.87 13.64
C ASP A 180 14.09 19.52 14.05
N GLU A 181 13.89 18.66 13.06
CA GLU A 181 13.31 17.34 13.32
C GLU A 181 13.82 16.31 12.32
N ALA A 182 13.67 15.04 12.67
CA ALA A 182 14.10 13.96 11.82
C ALA A 182 12.90 13.41 11.04
N LEU A 183 13.17 12.91 9.83
CA LEU A 183 12.15 12.27 9.03
C LEU A 183 12.66 10.84 8.95
N LEU A 184 11.90 9.89 9.50
CA LEU A 184 12.32 8.49 9.48
C LEU A 184 11.69 7.76 8.30
N LEU A 185 12.46 6.85 7.70
CA LEU A 185 11.95 6.03 6.61
C LEU A 185 11.69 4.67 7.24
N ASP A 186 10.91 3.82 6.57
CA ASP A 186 10.72 2.47 7.10
C ASP A 186 11.87 1.67 6.52
N GLU A 187 12.00 0.42 6.92
CA GLU A 187 13.12 -0.42 6.45
C GLU A 187 13.12 -0.63 4.94
N GLU A 188 11.94 -0.53 4.32
CA GLU A 188 11.83 -0.72 2.88
C GLU A 188 12.24 0.54 2.11
N GLY A 189 12.37 1.65 2.83
CA GLY A 189 12.79 2.88 2.17
C GLY A 189 11.73 3.94 1.95
N TYR A 190 10.50 3.65 2.34
CA TYR A 190 9.43 4.65 2.19
C TYR A 190 9.40 5.58 3.39
N VAL A 191 8.75 6.72 3.22
CA VAL A 191 8.65 7.66 4.33
C VAL A 191 7.77 7.01 5.39
N ALA A 192 8.14 7.21 6.66
CA ALA A 192 7.36 6.69 7.78
C ALA A 192 6.75 7.88 8.50
N GLU A 193 7.53 8.50 9.39
CA GLU A 193 7.06 9.67 10.12
C GLU A 193 8.24 10.36 10.80
N GLY A 194 7.96 11.43 11.56
CA GLY A 194 9.01 12.12 12.27
C GLY A 194 9.30 11.37 13.55
N SER A 195 10.24 11.86 14.37
CA SER A 195 10.55 11.17 15.62
C SER A 195 9.31 11.08 16.51
N GLY A 196 8.36 11.98 16.30
CA GLY A 196 7.14 11.95 17.10
C GLY A 196 6.02 12.74 16.45
N GLU A 197 6.01 12.76 15.11
CA GLU A 197 4.98 13.48 14.38
C GLU A 197 4.59 12.74 13.10
N ASN A 198 3.30 12.79 12.76
CA ASN A 198 2.82 12.15 11.54
C ASN A 198 3.02 13.15 10.41
N LEU A 199 3.21 12.64 9.20
CA LEU A 199 3.46 13.47 8.03
C LEU A 199 2.32 13.55 7.01
N PHE A 200 2.24 14.70 6.35
CA PHE A 200 1.25 14.98 5.31
C PHE A 200 1.96 15.77 4.23
N PHE A 201 1.45 15.73 3.01
CA PHE A 201 2.00 16.58 1.96
C PHE A 201 0.84 17.01 1.08
N VAL A 202 1.04 18.10 0.35
CA VAL A 202 0.01 18.65 -0.52
C VAL A 202 0.58 18.77 -1.92
N ARG A 203 -0.19 18.33 -2.90
CA ARG A 203 0.25 18.40 -4.28
C ARG A 203 -0.96 18.63 -5.16
N ASP A 204 -0.90 19.69 -5.96
CA ASP A 204 -1.98 20.06 -6.86
C ASP A 204 -3.34 20.16 -6.17
N GLY A 205 -3.35 20.82 -5.01
CA GLY A 205 -4.57 21.03 -4.26
C GLY A 205 -5.09 19.88 -3.43
N VAL A 206 -4.53 18.69 -3.62
CA VAL A 206 -4.98 17.53 -2.87
C VAL A 206 -4.08 17.30 -1.66
N ILE A 207 -4.69 16.97 -0.52
CA ILE A 207 -3.92 16.69 0.67
C ILE A 207 -3.67 15.20 0.77
N TYR A 208 -2.42 14.83 0.99
CA TYR A 208 -2.06 13.43 1.10
C TYR A 208 -1.58 13.11 2.51
N ALA A 209 -2.37 12.31 3.22
CA ALA A 209 -2.01 11.89 4.55
C ALA A 209 -1.29 10.57 4.32
N LEU A 210 -0.19 10.36 5.03
CA LEU A 210 0.53 9.11 4.86
C LEU A 210 -0.23 7.97 5.52
N GLU A 211 -0.16 6.80 4.92
CA GLU A 211 -0.81 5.63 5.48
C GLU A 211 -0.23 5.37 6.87
N HIS A 212 -0.95 4.61 7.68
CA HIS A 212 -0.47 4.32 9.02
C HIS A 212 0.83 3.52 9.04
N SER A 213 1.02 2.64 8.06
CA SER A 213 2.19 1.76 7.97
C SER A 213 2.73 1.40 9.35
N VAL A 214 3.97 1.77 9.66
CA VAL A 214 4.54 1.44 10.98
C VAL A 214 4.47 2.61 11.97
N ASN A 215 3.72 3.64 11.60
CA ASN A 215 3.61 4.84 12.42
C ASN A 215 2.52 4.77 13.47
N LEU A 216 2.54 5.73 14.39
CA LEU A 216 1.52 5.77 15.43
C LEU A 216 0.32 6.44 14.78
N GLU A 217 -0.88 6.00 15.16
CA GLU A 217 -2.10 6.59 14.61
C GLU A 217 -2.37 7.87 15.39
N GLY A 218 -1.83 8.97 14.89
CA GLY A 218 -1.99 10.23 15.57
C GLY A 218 -3.38 10.79 15.75
N ILE A 219 -3.63 11.35 16.92
CA ILE A 219 -4.92 11.96 17.21
C ILE A 219 -4.95 13.33 16.55
N THR A 220 -3.78 13.96 16.42
CA THR A 220 -3.70 15.25 15.78
C THR A 220 -3.89 15.01 14.28
N ARG A 221 -3.30 13.94 13.77
CA ARG A 221 -3.45 13.56 12.37
C ARG A 221 -4.94 13.37 12.08
N ASP A 222 -5.61 12.59 12.92
CA ASP A 222 -7.04 12.33 12.76
C ASP A 222 -7.83 13.65 12.75
N SER A 223 -7.49 14.54 13.67
CA SER A 223 -8.16 15.83 13.78
C SER A 223 -7.98 16.66 12.52
N VAL A 224 -6.75 16.72 12.02
CA VAL A 224 -6.43 17.48 10.82
C VAL A 224 -7.17 16.97 9.60
N ILE A 225 -7.31 15.65 9.50
CA ILE A 225 -8.02 15.08 8.35
C ILE A 225 -9.50 15.48 8.39
N ARG A 226 -10.11 15.42 9.55
CA ARG A 226 -11.52 15.81 9.67
C ARG A 226 -11.67 17.28 9.33
N ILE A 227 -10.76 18.10 9.84
CA ILE A 227 -10.79 19.53 9.59
C ILE A 227 -10.61 19.80 8.10
N ALA A 228 -9.63 19.12 7.49
CA ALA A 228 -9.37 19.29 6.08
C ALA A 228 -10.62 18.97 5.24
N LYS A 229 -11.28 17.87 5.58
CA LYS A 229 -12.47 17.48 4.85
C LYS A 229 -13.62 18.47 5.05
N ASP A 230 -13.76 18.98 6.27
CA ASP A 230 -14.81 19.96 6.54
C ASP A 230 -14.57 21.24 5.77
N LEU A 231 -13.30 21.58 5.53
CA LEU A 231 -12.97 22.78 4.78
C LEU A 231 -13.15 22.57 3.26
N GLY A 232 -13.40 21.33 2.85
CA GLY A 232 -13.61 21.06 1.43
C GLY A 232 -12.46 20.48 0.66
N TYR A 233 -11.34 20.22 1.34
CA TYR A 233 -10.18 19.65 0.68
C TYR A 233 -10.34 18.17 0.43
N GLU A 234 -9.78 17.69 -0.67
CA GLU A 234 -9.81 16.28 -0.99
C GLU A 234 -8.64 15.69 -0.21
N VAL A 235 -8.88 14.57 0.49
CA VAL A 235 -7.82 13.94 1.25
C VAL A 235 -7.65 12.50 0.80
N GLN A 236 -6.42 12.16 0.43
CA GLN A 236 -6.09 10.80 0.00
C GLN A 236 -5.05 10.27 0.97
N VAL A 237 -5.16 9.00 1.31
CA VAL A 237 -4.21 8.36 2.21
C VAL A 237 -3.32 7.49 1.35
N VAL A 238 -2.02 7.80 1.33
CA VAL A 238 -1.09 7.07 0.49
C VAL A 238 0.23 6.74 1.14
N ARG A 239 1.00 5.92 0.45
CA ARG A 239 2.34 5.59 0.88
C ARG A 239 3.15 6.63 0.10
N ALA A 240 4.27 7.08 0.66
CA ALA A 240 5.06 8.09 -0.02
C ALA A 240 6.56 7.87 0.06
N THR A 241 7.27 8.39 -0.93
CA THR A 241 8.72 8.31 -0.98
C THR A 241 9.28 9.69 -0.66
N ARG A 242 10.56 9.76 -0.31
CA ARG A 242 11.17 11.03 0.03
C ARG A 242 11.09 12.04 -1.11
N ASP A 243 11.25 11.57 -2.35
CA ASP A 243 11.20 12.51 -3.45
C ASP A 243 9.78 12.95 -3.81
N GLN A 244 8.77 12.26 -3.32
CA GLN A 244 7.41 12.70 -3.55
C GLN A 244 7.23 13.92 -2.65
N LEU A 245 7.90 13.92 -1.50
CA LEU A 245 7.81 15.04 -0.58
C LEU A 245 8.63 16.21 -1.15
N TYR A 246 9.81 15.92 -1.68
CA TYR A 246 10.66 16.97 -2.26
C TYR A 246 9.92 17.78 -3.31
N MET A 247 9.03 17.11 -4.05
CA MET A 247 8.29 17.76 -5.12
C MET A 247 6.90 18.24 -4.73
N ALA A 248 6.56 18.09 -3.45
CA ALA A 248 5.24 18.50 -2.98
C ALA A 248 5.12 20.02 -2.93
N ASP A 249 3.89 20.52 -3.01
CA ASP A 249 3.68 21.96 -2.93
C ASP A 249 3.87 22.33 -1.47
N GLU A 250 3.47 21.43 -0.58
CA GLU A 250 3.61 21.63 0.86
C GLU A 250 3.76 20.30 1.55
N VAL A 251 4.28 20.35 2.77
CA VAL A 251 4.36 19.15 3.59
C VAL A 251 4.30 19.71 5.00
N PHE A 252 3.64 18.97 5.89
CA PHE A 252 3.53 19.41 7.27
C PHE A 252 3.45 18.21 8.21
N MET A 253 3.70 18.45 9.49
CA MET A 253 3.67 17.39 10.51
C MET A 253 2.62 17.70 11.54
N THR A 254 2.13 16.65 12.20
CA THR A 254 1.13 16.82 13.24
C THR A 254 1.51 15.97 14.44
N GLY A 255 1.16 16.48 15.61
CA GLY A 255 1.44 15.79 16.86
C GLY A 255 0.86 16.64 17.97
N THR A 256 0.64 16.06 19.14
CA THR A 256 0.07 16.84 20.23
C THR A 256 0.96 18.02 20.60
N ALA A 257 2.27 17.79 20.66
CA ALA A 257 3.20 18.87 20.98
C ALA A 257 3.43 19.78 19.78
N ALA A 258 3.51 19.18 18.59
CA ALA A 258 3.76 19.96 17.39
C ALA A 258 2.54 20.60 16.75
N GLU A 259 1.35 20.25 17.25
CA GLU A 259 0.11 20.79 16.69
C GLU A 259 0.18 20.53 15.18
N VAL A 260 0.03 21.57 14.37
CA VAL A 260 0.16 21.40 12.92
C VAL A 260 1.35 22.27 12.55
N THR A 261 2.46 21.61 12.22
CA THR A 261 3.69 22.32 11.90
C THR A 261 4.10 22.24 10.43
N PRO A 262 4.15 23.38 9.75
CA PRO A 262 4.54 23.38 8.33
C PRO A 262 6.02 22.98 8.21
N VAL A 263 6.36 22.30 7.13
CA VAL A 263 7.74 21.89 6.89
C VAL A 263 8.17 22.59 5.60
N SER A 264 9.15 23.47 5.73
CA SER A 264 9.62 24.26 4.60
C SER A 264 10.81 23.70 3.85
N MET A 265 11.49 22.71 4.43
CA MET A 265 12.66 22.13 3.79
C MET A 265 12.96 20.73 4.30
N ILE A 266 13.38 19.86 3.39
CA ILE A 266 13.74 18.50 3.74
C ILE A 266 15.05 18.20 3.02
N ASP A 267 16.04 17.74 3.78
CA ASP A 267 17.36 17.42 3.23
C ASP A 267 17.91 18.59 2.41
N TRP A 268 17.79 19.78 2.97
CA TRP A 268 18.28 21.02 2.36
C TRP A 268 17.67 21.31 0.99
N ARG A 269 16.53 20.71 0.72
CA ARG A 269 15.81 20.94 -0.53
C ARG A 269 14.53 21.64 -0.12
N PRO A 270 14.34 22.89 -0.57
CA PRO A 270 13.14 23.64 -0.20
C PRO A 270 11.85 22.98 -0.69
N ILE A 271 10.82 23.03 0.14
CA ILE A 271 9.54 22.45 -0.23
C ILE A 271 8.66 23.57 -0.79
N GLY A 272 8.27 23.44 -2.06
CA GLY A 272 7.44 24.48 -2.65
C GLY A 272 8.17 25.81 -2.65
N LYS A 273 7.54 26.84 -2.08
CA LYS A 273 8.14 28.18 -2.02
C LYS A 273 9.23 28.29 -0.96
N GLY A 274 9.40 27.26 -0.13
CA GLY A 274 10.43 27.31 0.88
C GLY A 274 9.99 27.95 2.19
N THR A 275 8.69 28.15 2.33
CA THR A 275 8.09 28.73 3.53
C THR A 275 6.75 28.03 3.73
N ALA A 276 6.17 28.19 4.91
CA ALA A 276 4.89 27.56 5.19
C ALA A 276 3.90 27.88 4.09
N GLY A 277 3.12 26.86 3.70
CA GLY A 277 2.13 27.05 2.65
C GLY A 277 0.76 27.37 3.21
N PRO A 278 -0.17 27.85 2.37
CA PRO A 278 -1.53 28.20 2.76
C PRO A 278 -2.37 27.09 3.38
N VAL A 279 -2.29 25.88 2.82
CA VAL A 279 -3.08 24.77 3.33
C VAL A 279 -2.70 24.41 4.77
N ALA A 280 -1.41 24.21 5.01
CA ALA A 280 -0.94 23.86 6.35
C ALA A 280 -1.31 24.94 7.36
N LEU A 281 -1.26 26.19 6.92
CA LEU A 281 -1.60 27.31 7.80
C LEU A 281 -3.09 27.34 8.13
N ARG A 282 -3.94 27.02 7.16
CA ARG A 282 -5.36 27.01 7.44
C ARG A 282 -5.70 25.89 8.40
N LEU A 283 -5.11 24.71 8.18
CA LEU A 283 -5.38 23.58 9.05
C LEU A 283 -4.92 23.89 10.47
N ARG A 284 -3.74 24.47 10.60
CA ARG A 284 -3.22 24.82 11.92
C ARG A 284 -4.16 25.81 12.61
N GLU A 285 -4.63 26.82 11.86
CA GLU A 285 -5.53 27.83 12.43
C GLU A 285 -6.86 27.26 12.92
N VAL A 286 -7.48 26.39 12.11
CA VAL A 286 -8.75 25.80 12.51
C VAL A 286 -8.51 24.87 13.70
N TYR A 287 -7.36 24.21 13.70
CA TYR A 287 -7.04 23.32 14.80
C TYR A 287 -6.89 24.12 16.10
N LEU A 288 -6.16 25.22 16.04
CA LEU A 288 -5.97 26.05 17.24
C LEU A 288 -7.30 26.67 17.68
N GLU A 289 -8.17 26.93 16.72
CA GLU A 289 -9.48 27.49 17.05
C GLU A 289 -10.29 26.40 17.74
N ALA A 290 -10.11 25.17 17.28
CA ALA A 290 -10.84 24.05 17.84
C ALA A 290 -10.44 23.73 19.28
N VAL A 291 -9.14 23.64 19.53
CA VAL A 291 -8.65 23.32 20.86
C VAL A 291 -8.89 24.41 21.91
N THR A 292 -9.13 25.64 21.46
CA THR A 292 -9.37 26.73 22.38
C THR A 292 -10.86 27.05 22.53
N GLY A 293 -11.70 26.13 22.09
CA GLY A 293 -13.14 26.28 22.21
C GLY A 293 -13.85 27.32 21.34
N ARG A 294 -13.27 27.63 20.18
CA ARG A 294 -13.87 28.61 19.30
C ARG A 294 -14.56 28.00 18.07
N ARG A 295 -14.68 26.68 18.05
CA ARG A 295 -15.34 25.97 16.96
C ARG A 295 -16.43 25.11 17.57
N PRO A 296 -17.68 25.60 17.57
CA PRO A 296 -18.78 24.81 18.13
C PRO A 296 -18.93 23.40 17.56
N GLU A 297 -18.66 23.24 16.28
CA GLU A 297 -18.79 21.94 15.63
C GLU A 297 -17.78 20.91 16.14
N TYR A 298 -16.75 21.37 16.84
CA TYR A 298 -15.72 20.48 17.38
C TYR A 298 -15.70 20.46 18.90
N GLU A 299 -16.73 21.03 19.52
CA GLU A 299 -16.79 21.10 20.98
C GLU A 299 -16.79 19.71 21.63
N GLY A 300 -17.23 18.70 20.89
CA GLY A 300 -17.26 17.35 21.43
C GLY A 300 -15.87 16.82 21.76
N TRP A 301 -14.86 17.42 21.15
CA TRP A 301 -13.48 17.02 21.37
C TRP A 301 -12.90 17.58 22.66
N LEU A 302 -13.58 18.57 23.25
CA LEU A 302 -13.08 19.21 24.45
C LEU A 302 -13.68 18.75 25.77
N THR A 303 -12.85 18.69 26.79
CA THR A 303 -13.27 18.32 28.13
C THR A 303 -12.87 19.50 29.01
N TYR A 304 -13.86 20.25 29.48
CA TYR A 304 -13.58 21.41 30.32
C TYR A 304 -13.29 21.04 31.78
N VAL A 305 -12.14 21.50 32.24
CA VAL A 305 -11.66 21.27 33.60
C VAL A 305 -12.58 21.90 34.65
N ASN A 306 -12.90 23.18 34.46
CA ASN A 306 -13.78 23.88 35.39
C ASN A 306 -15.24 23.55 35.09
N GLN B 2 24.54 9.18 -36.47
CA GLN B 2 23.74 8.95 -35.23
C GLN B 2 22.27 9.33 -35.43
N ILE B 3 21.69 9.91 -34.40
CA ILE B 3 20.32 10.37 -34.41
C ILE B 3 20.29 11.62 -35.29
N LYS B 4 19.23 11.79 -36.07
CA LYS B 4 19.11 12.95 -36.95
C LYS B 4 18.33 14.04 -36.22
N ALA B 5 19.02 14.74 -35.34
CA ALA B 5 18.40 15.79 -34.54
C ALA B 5 18.41 17.17 -35.19
N GLY B 6 19.49 17.48 -35.89
CA GLY B 6 19.57 18.78 -36.54
C GLY B 6 20.00 19.87 -35.57
N LEU B 7 19.29 20.99 -35.58
CA LEU B 7 19.61 22.09 -34.69
C LEU B 7 19.23 21.73 -33.27
N ILE B 8 20.20 21.82 -32.37
CA ILE B 8 20.00 21.51 -30.97
C ILE B 8 20.22 22.75 -30.11
N TRP B 9 19.33 22.98 -29.16
CA TRP B 9 19.45 24.11 -28.25
C TRP B 9 20.50 23.76 -27.20
N MET B 10 21.56 24.55 -27.13
CA MET B 10 22.63 24.31 -26.16
C MET B 10 22.81 25.51 -25.25
N ASN B 11 22.38 25.36 -24.01
CA ASN B 11 22.49 26.40 -23.00
C ASN B 11 22.16 27.82 -23.47
N GLY B 12 21.05 27.98 -24.18
CA GLY B 12 20.66 29.32 -24.60
C GLY B 12 20.63 29.65 -26.07
N ALA B 13 21.23 28.82 -26.92
CA ALA B 13 21.24 29.08 -28.35
C ALA B 13 21.32 27.83 -29.20
N PHE B 14 20.65 27.83 -30.34
CA PHE B 14 20.69 26.67 -31.22
C PHE B 14 21.98 26.58 -32.00
N VAL B 15 22.50 25.37 -32.11
CA VAL B 15 23.74 25.11 -32.85
C VAL B 15 23.53 23.84 -33.67
N PRO B 16 24.36 23.64 -34.71
CA PRO B 16 24.25 22.44 -35.55
C PRO B 16 24.56 21.22 -34.68
N GLN B 17 24.00 20.07 -35.02
CA GLN B 17 24.22 18.86 -34.24
C GLN B 17 25.68 18.55 -33.95
N GLU B 18 26.54 18.72 -34.96
CA GLU B 18 27.97 18.45 -34.76
C GLU B 18 28.60 19.32 -33.68
N GLU B 19 27.96 20.43 -33.32
CA GLU B 19 28.50 21.31 -32.30
C GLU B 19 27.89 21.03 -30.94
N ALA B 20 26.86 20.18 -30.93
CA ALA B 20 26.18 19.82 -29.69
C ALA B 20 26.93 18.67 -29.03
N LYS B 21 28.11 18.97 -28.50
CA LYS B 21 28.94 17.97 -27.84
C LYS B 21 29.40 18.52 -26.49
N THR B 22 29.80 17.63 -25.60
CA THR B 22 30.24 18.02 -24.26
C THR B 22 31.51 17.26 -23.91
N SER B 23 32.31 17.80 -23.00
CA SER B 23 33.55 17.16 -22.59
C SER B 23 33.35 15.73 -22.10
N VAL B 24 34.28 14.86 -22.44
CA VAL B 24 34.19 13.48 -21.99
C VAL B 24 34.54 13.41 -20.51
N LEU B 25 34.84 14.57 -19.92
CA LEU B 25 35.16 14.65 -18.50
C LEU B 25 33.96 15.18 -17.72
N SER B 26 32.82 15.26 -18.38
CA SER B 26 31.59 15.72 -17.76
C SER B 26 31.15 14.75 -16.68
N HIS B 27 30.87 15.31 -15.50
CA HIS B 27 30.45 14.55 -14.34
C HIS B 27 29.36 13.53 -14.68
N ALA B 28 28.36 13.96 -15.44
CA ALA B 28 27.24 13.09 -15.80
C ALA B 28 27.62 11.88 -16.65
N LEU B 29 28.69 11.99 -17.42
CA LEU B 29 29.10 10.88 -18.28
C LEU B 29 29.80 9.81 -17.43
N HIS B 30 30.27 10.21 -16.26
CA HIS B 30 30.97 9.31 -15.36
C HIS B 30 30.11 8.81 -14.20
N TYR B 31 29.21 9.66 -13.73
CA TYR B 31 28.40 9.33 -12.55
C TYR B 31 26.88 9.38 -12.69
N GLY B 32 26.38 9.43 -13.90
CA GLY B 32 24.95 9.44 -14.15
C GLY B 32 24.17 10.62 -13.60
N THR B 33 24.87 11.71 -13.35
CA THR B 33 24.26 12.91 -12.79
C THR B 33 23.62 13.84 -13.82
N SER B 34 22.54 13.36 -14.43
CA SER B 34 21.79 14.13 -15.42
C SER B 34 20.31 13.88 -15.19
N VAL B 35 19.47 14.73 -15.76
CA VAL B 35 18.03 14.56 -15.67
C VAL B 35 17.50 14.84 -17.08
N PHE B 36 16.43 14.16 -17.45
CA PHE B 36 15.88 14.34 -18.78
C PHE B 36 14.37 14.19 -18.80
N GLU B 37 13.79 14.48 -19.95
CA GLU B 37 12.36 14.32 -20.15
C GLU B 37 12.10 13.76 -21.52
N GLY B 38 10.92 13.18 -21.68
CA GLY B 38 10.50 12.63 -22.95
C GLY B 38 9.22 13.35 -23.26
N ILE B 39 9.25 14.18 -24.29
CA ILE B 39 8.08 14.98 -24.66
C ILE B 39 7.77 14.75 -26.14
N ARG B 40 6.49 14.79 -26.50
CA ARG B 40 6.14 14.58 -27.90
C ARG B 40 5.29 15.68 -28.49
N ALA B 41 5.55 15.95 -29.76
CA ALA B 41 4.80 16.93 -30.51
C ALA B 41 4.07 16.07 -31.54
N TYR B 42 2.75 16.25 -31.64
CA TYR B 42 1.97 15.49 -32.60
C TYR B 42 1.40 16.46 -33.61
N GLU B 43 1.49 16.11 -34.88
CA GLU B 43 0.96 16.96 -35.93
C GLU B 43 -0.56 17.01 -35.88
N THR B 44 -1.11 18.19 -36.13
CA THR B 44 -2.56 18.39 -36.19
C THR B 44 -2.77 19.25 -37.43
N ALA B 45 -4.02 19.47 -37.80
CA ALA B 45 -4.31 20.31 -38.96
C ALA B 45 -4.06 21.77 -38.58
N LYS B 46 -3.61 21.98 -37.35
CA LYS B 46 -3.34 23.31 -36.82
C LYS B 46 -1.83 23.41 -36.54
N GLY B 47 -1.08 22.44 -37.07
CA GLY B 47 0.36 22.42 -36.87
C GLY B 47 0.70 21.51 -35.70
N PRO B 48 1.99 21.39 -35.35
CA PRO B 48 2.43 20.55 -34.24
C PRO B 48 1.91 21.01 -32.89
N ALA B 49 1.49 20.04 -32.07
CA ALA B 49 0.98 20.34 -30.73
C ALA B 49 1.79 19.49 -29.77
N ILE B 50 2.39 20.15 -28.78
CA ILE B 50 3.19 19.46 -27.78
C ILE B 50 2.25 19.01 -26.67
N PHE B 51 2.35 17.74 -26.27
CA PHE B 51 1.47 17.19 -25.24
C PHE B 51 1.95 17.41 -23.81
N ARG B 52 1.12 18.11 -23.04
CA ARG B 52 1.36 18.43 -21.63
C ARG B 52 2.78 18.93 -21.35
N LEU B 53 3.14 19.97 -22.09
CA LEU B 53 4.45 20.63 -22.01
C LEU B 53 4.80 21.08 -20.60
N LYS B 54 3.90 21.84 -19.99
CA LYS B 54 4.17 22.35 -18.66
C LYS B 54 4.33 21.27 -17.59
N GLU B 55 3.57 20.19 -17.71
CA GLU B 55 3.68 19.12 -16.73
C GLU B 55 5.05 18.46 -16.87
N HIS B 56 5.52 18.30 -18.11
CA HIS B 56 6.83 17.69 -18.34
C HIS B 56 7.97 18.59 -17.87
N VAL B 57 7.85 19.89 -18.10
CA VAL B 57 8.90 20.81 -17.69
C VAL B 57 8.92 20.90 -16.17
N LYS B 58 7.75 20.86 -15.55
CA LYS B 58 7.67 20.90 -14.09
C LYS B 58 8.43 19.69 -13.55
N ARG B 59 8.22 18.53 -14.18
CA ARG B 59 8.91 17.33 -13.72
C ARG B 59 10.41 17.42 -13.94
N PHE B 60 10.81 18.08 -15.04
CA PHE B 60 12.22 18.27 -15.36
C PHE B 60 12.92 19.02 -14.21
N TYR B 61 12.31 20.13 -13.77
CA TYR B 61 12.89 20.90 -12.69
C TYR B 61 12.80 20.16 -11.36
N ASN B 62 11.77 19.33 -11.20
CA ASN B 62 11.61 18.55 -9.98
C ASN B 62 12.70 17.49 -9.90
N SER B 63 13.04 16.90 -11.04
CA SER B 63 14.09 15.89 -11.06
C SER B 63 15.42 16.53 -10.69
N ALA B 64 15.66 17.73 -11.18
CA ALA B 64 16.88 18.47 -10.88
C ALA B 64 16.97 18.77 -9.38
N LYS B 65 15.85 19.15 -8.78
CA LYS B 65 15.85 19.47 -7.36
C LYS B 65 16.28 18.26 -6.54
N VAL B 66 15.88 17.07 -6.97
CA VAL B 66 16.25 15.87 -6.25
C VAL B 66 17.77 15.72 -6.19
N LEU B 67 18.45 16.08 -7.26
CA LEU B 67 19.91 15.99 -7.29
C LEU B 67 20.59 17.26 -6.81
N ARG B 68 19.80 18.24 -6.40
CA ARG B 68 20.31 19.53 -5.95
C ARG B 68 21.05 20.17 -7.11
N MET B 69 20.57 19.86 -8.31
CA MET B 69 21.12 20.38 -9.55
C MET B 69 20.45 21.71 -9.85
N GLU B 70 21.25 22.71 -10.22
CA GLU B 70 20.71 24.02 -10.54
C GLU B 70 20.59 24.20 -12.06
N ILE B 71 19.36 24.41 -12.53
CA ILE B 71 19.11 24.64 -13.96
C ILE B 71 19.11 26.16 -14.11
N PRO B 72 20.15 26.71 -14.77
CA PRO B 72 20.31 28.16 -14.99
C PRO B 72 19.40 28.81 -16.01
N PHE B 73 18.15 28.36 -16.07
CA PHE B 73 17.17 28.91 -16.99
C PHE B 73 15.80 28.85 -16.34
N ALA B 74 14.98 29.86 -16.61
CA ALA B 74 13.63 29.89 -16.07
C ALA B 74 12.82 28.86 -16.86
N PRO B 75 11.84 28.21 -16.22
CA PRO B 75 11.03 27.22 -16.94
C PRO B 75 10.46 27.78 -18.25
N GLU B 76 10.13 29.06 -18.25
CA GLU B 76 9.58 29.74 -19.42
C GLU B 76 10.58 29.72 -20.58
N GLU B 77 11.87 29.87 -20.26
CA GLU B 77 12.90 29.84 -21.29
C GLU B 77 13.02 28.44 -21.88
N LEU B 78 12.94 27.43 -21.02
CA LEU B 78 13.04 26.06 -21.48
C LEU B 78 11.84 25.70 -22.36
N GLU B 79 10.67 26.19 -21.97
CA GLU B 79 9.46 25.94 -22.73
C GLU B 79 9.56 26.54 -24.13
N GLU B 80 10.11 27.75 -24.20
CA GLU B 80 10.27 28.42 -25.49
C GLU B 80 11.26 27.63 -26.35
N ALA B 81 12.33 27.14 -25.73
CA ALA B 81 13.33 26.36 -26.46
C ALA B 81 12.70 25.09 -27.00
N ILE B 82 11.80 24.49 -26.22
CA ILE B 82 11.14 23.26 -26.64
C ILE B 82 10.23 23.49 -27.85
N LYS B 83 9.61 24.66 -27.92
CA LYS B 83 8.74 24.97 -29.05
C LYS B 83 9.63 25.28 -30.25
N GLU B 84 10.70 26.02 -30.00
CA GLU B 84 11.62 26.41 -31.07
C GLU B 84 12.36 25.24 -31.71
N VAL B 85 12.69 24.21 -30.94
CA VAL B 85 13.41 23.09 -31.53
C VAL B 85 12.53 22.41 -32.58
N VAL B 86 11.22 22.52 -32.41
CA VAL B 86 10.29 21.94 -33.37
C VAL B 86 10.24 22.82 -34.62
N ARG B 87 10.03 24.12 -34.42
CA ARG B 87 9.94 25.08 -35.52
C ARG B 87 11.22 25.18 -36.36
N ARG B 88 12.34 25.40 -35.69
CA ARG B 88 13.62 25.55 -36.36
C ARG B 88 14.04 24.37 -37.20
N ASN B 89 13.56 23.17 -36.86
CA ASN B 89 13.92 21.99 -37.64
C ASN B 89 12.83 21.63 -38.64
N GLY B 90 11.76 22.41 -38.66
CA GLY B 90 10.68 22.17 -39.59
C GLY B 90 9.95 20.85 -39.39
N TYR B 91 9.99 20.34 -38.16
CA TYR B 91 9.34 19.10 -37.82
C TYR B 91 7.83 19.22 -37.68
N ARG B 92 7.13 18.12 -37.89
CA ARG B 92 5.69 18.07 -37.71
C ARG B 92 5.63 17.24 -36.42
N SER B 93 5.35 15.94 -36.50
CA SER B 93 5.35 15.13 -35.28
C SER B 93 6.82 14.83 -34.94
N CYS B 94 7.16 14.78 -33.67
CA CYS B 94 8.54 14.51 -33.28
C CYS B 94 8.69 14.22 -31.79
N TYR B 95 9.82 13.63 -31.43
CA TYR B 95 10.14 13.31 -30.04
C TYR B 95 11.08 14.40 -29.56
N ILE B 96 10.84 14.93 -28.37
CA ILE B 96 11.66 16.00 -27.81
C ILE B 96 12.37 15.53 -26.54
N ARG B 97 13.68 15.75 -26.49
CA ARG B 97 14.46 15.31 -25.35
C ARG B 97 15.27 16.40 -24.64
N PRO B 98 14.69 16.96 -23.56
CA PRO B 98 15.43 17.99 -22.83
C PRO B 98 16.41 17.23 -21.93
N LEU B 99 17.60 17.79 -21.72
CA LEU B 99 18.58 17.15 -20.86
C LEU B 99 19.39 18.18 -20.09
N ALA B 100 19.57 17.94 -18.80
CA ALA B 100 20.37 18.82 -17.94
C ALA B 100 21.41 17.88 -17.35
N TRP B 101 22.67 18.26 -17.45
CA TRP B 101 23.73 17.40 -16.94
C TRP B 101 24.87 18.15 -16.26
N MET B 102 25.51 17.50 -15.31
CA MET B 102 26.62 18.13 -14.62
C MET B 102 27.85 18.07 -15.52
N GLY B 103 28.48 19.23 -15.67
CA GLY B 103 29.65 19.37 -16.52
C GLY B 103 31.00 18.89 -16.03
N ALA B 104 32.06 19.35 -16.69
CA ALA B 104 33.41 18.92 -16.39
C ALA B 104 34.27 19.83 -15.50
N LYS B 105 33.65 20.54 -14.57
CA LYS B 105 34.42 21.40 -13.67
C LYS B 105 35.26 20.58 -12.69
N ALA B 106 34.79 19.38 -12.36
CA ALA B 106 35.50 18.51 -11.42
C ALA B 106 34.90 17.12 -11.47
N LEU B 107 35.66 16.12 -11.05
CA LEU B 107 35.17 14.76 -11.06
C LEU B 107 35.11 14.08 -9.70
N GLY B 108 34.93 14.88 -8.65
CA GLY B 108 34.76 14.30 -7.33
C GLY B 108 33.32 13.81 -7.45
N VAL B 109 32.92 12.77 -6.72
CA VAL B 109 31.55 12.27 -6.88
C VAL B 109 30.48 13.30 -6.49
N ASN B 110 30.81 14.21 -5.58
CA ASN B 110 29.86 15.24 -5.17
C ASN B 110 29.69 16.18 -6.37
N PRO B 111 28.47 16.29 -6.91
CA PRO B 111 28.23 17.16 -8.07
C PRO B 111 28.01 18.64 -7.79
N LEU B 112 27.89 19.02 -6.53
CA LEU B 112 27.65 20.43 -6.21
C LEU B 112 28.66 21.43 -6.77
N PRO B 113 29.96 21.12 -6.75
CA PRO B 113 30.91 22.08 -7.31
C PRO B 113 30.77 22.27 -8.82
N ASN B 114 30.04 21.36 -9.46
CA ASN B 114 29.84 21.42 -10.90
C ASN B 114 28.66 22.29 -11.32
N ASN B 115 27.86 22.74 -10.35
CA ASN B 115 26.71 23.59 -10.67
C ASN B 115 27.20 24.92 -11.25
N PRO B 116 26.39 25.56 -12.12
CA PRO B 116 25.08 25.09 -12.54
C PRO B 116 25.19 24.06 -13.67
N ALA B 117 24.11 23.32 -13.87
CA ALA B 117 24.10 22.30 -14.89
C ALA B 117 24.07 22.85 -16.31
N GLU B 118 24.56 22.04 -17.24
CA GLU B 118 24.54 22.40 -18.64
C GLU B 118 23.17 21.89 -19.08
N VAL B 119 22.57 22.53 -20.08
CA VAL B 119 21.24 22.13 -20.52
C VAL B 119 21.13 22.14 -22.04
N MET B 120 20.36 21.21 -22.58
CA MET B 120 20.16 21.14 -24.02
C MET B 120 18.78 20.59 -24.32
N VAL B 121 18.28 20.90 -25.51
CA VAL B 121 16.99 20.41 -25.96
C VAL B 121 17.20 19.94 -27.39
N ALA B 122 16.92 18.66 -27.63
CA ALA B 122 17.07 18.09 -28.96
C ALA B 122 15.73 17.46 -29.33
N ALA B 123 15.49 17.31 -30.63
CA ALA B 123 14.26 16.69 -31.12
C ALA B 123 14.54 15.99 -32.43
N TRP B 124 13.84 14.88 -32.67
CA TRP B 124 14.01 14.15 -33.93
C TRP B 124 12.73 13.41 -34.29
N GLU B 125 12.62 13.06 -35.56
CA GLU B 125 11.42 12.40 -36.07
C GLU B 125 11.42 10.89 -35.92
N TRP B 126 10.23 10.31 -35.88
CA TRP B 126 10.06 8.87 -35.74
C TRP B 126 10.38 8.16 -37.05
N GLY B 127 11.06 7.03 -36.95
CA GLY B 127 11.40 6.26 -38.14
C GLY B 127 10.21 5.41 -38.58
N ALA B 128 9.45 4.92 -37.61
CA ALA B 128 8.28 4.08 -37.90
C ALA B 128 7.34 4.04 -36.71
N TYR B 129 6.12 3.57 -36.96
CA TYR B 129 5.10 3.45 -35.93
C TYR B 129 4.50 2.06 -36.01
N LEU B 130 4.04 1.55 -34.88
CA LEU B 130 3.42 0.25 -34.89
C LEU B 130 2.03 0.46 -35.45
N GLY B 131 1.57 -0.49 -36.26
CA GLY B 131 0.25 -0.40 -36.84
C GLY B 131 -0.73 -1.11 -35.94
N GLU B 132 -2.01 -0.95 -36.24
CA GLU B 132 -3.06 -1.56 -35.45
C GLU B 132 -2.94 -3.09 -35.34
N GLU B 133 -2.34 -3.73 -36.34
CA GLU B 133 -2.17 -5.18 -36.29
C GLU B 133 -1.26 -5.55 -35.13
N ALA B 134 -0.16 -4.81 -34.99
CA ALA B 134 0.80 -5.06 -33.93
C ALA B 134 0.20 -4.71 -32.57
N VAL B 135 -0.50 -3.60 -32.51
CA VAL B 135 -1.13 -3.16 -31.27
C VAL B 135 -2.11 -4.23 -30.77
N ARG B 136 -2.90 -4.77 -31.68
CA ARG B 136 -3.88 -5.79 -31.33
C ARG B 136 -3.21 -7.09 -30.89
N LYS B 137 -2.13 -7.47 -31.54
CA LYS B 137 -1.41 -8.69 -31.15
C LYS B 137 -0.98 -8.50 -29.71
N GLY B 138 -0.63 -7.27 -29.37
CA GLY B 138 -0.22 -6.94 -28.01
C GLY B 138 1.22 -7.20 -27.65
N ALA B 139 1.72 -6.46 -26.68
CA ALA B 139 3.09 -6.60 -26.23
C ALA B 139 3.23 -7.80 -25.31
N ARG B 140 4.38 -8.46 -25.39
CA ARG B 140 4.65 -9.61 -24.55
C ARG B 140 5.68 -9.17 -23.53
N LEU B 141 5.39 -9.40 -22.25
CA LEU B 141 6.30 -9.02 -21.18
C LEU B 141 6.84 -10.25 -20.47
N ILE B 142 8.01 -10.09 -19.87
CA ILE B 142 8.61 -11.14 -19.08
C ILE B 142 9.10 -10.44 -17.82
N THR B 143 8.83 -11.04 -16.68
CA THR B 143 9.23 -10.46 -15.41
C THR B 143 10.74 -10.53 -15.29
N SER B 144 11.34 -9.39 -14.94
CA SER B 144 12.78 -9.24 -14.81
C SER B 144 13.40 -9.78 -13.53
N SER B 145 14.69 -10.11 -13.63
CA SER B 145 15.45 -10.59 -12.48
C SER B 145 16.10 -9.38 -11.83
N TRP B 146 15.86 -8.20 -12.40
CA TRP B 146 16.37 -6.96 -11.84
C TRP B 146 15.17 -6.26 -11.20
N ALA B 147 15.30 -5.90 -9.94
CA ALA B 147 14.22 -5.22 -9.22
C ALA B 147 14.34 -3.72 -9.33
N ARG B 148 13.20 -3.02 -9.41
CA ARG B 148 13.29 -1.56 -9.46
C ARG B 148 13.79 -1.13 -8.09
N PHE B 149 14.72 -0.18 -8.08
CA PHE B 149 15.32 0.31 -6.85
C PHE B 149 14.40 0.84 -5.76
N PRO B 150 14.73 0.50 -4.51
CA PRO B 150 13.94 0.97 -3.36
C PRO B 150 13.97 2.49 -3.36
N ALA B 151 13.00 3.11 -2.69
CA ALA B 151 12.87 4.57 -2.63
C ALA B 151 13.99 5.30 -1.90
N ASN B 152 14.87 4.56 -1.23
CA ASN B 152 15.98 5.18 -0.51
C ASN B 152 17.30 4.73 -1.11
N VAL B 153 17.26 4.26 -2.36
CA VAL B 153 18.44 3.78 -3.07
C VAL B 153 18.70 4.66 -4.30
N MET B 154 17.65 4.88 -5.08
CA MET B 154 17.73 5.75 -6.26
C MET B 154 16.39 6.50 -6.23
N PRO B 155 16.39 7.78 -6.63
CA PRO B 155 15.16 8.60 -6.66
C PRO B 155 14.22 8.19 -7.78
N GLY B 156 13.35 7.22 -7.48
CA GLY B 156 12.41 6.70 -8.46
C GLY B 156 11.32 7.60 -8.99
N LYS B 157 11.16 8.79 -8.42
CA LYS B 157 10.14 9.73 -8.87
C LYS B 157 10.75 10.73 -9.85
N ALA B 158 12.06 10.64 -10.02
CA ALA B 158 12.79 11.53 -10.90
C ALA B 158 13.35 10.80 -12.11
N LYS B 159 13.49 11.53 -13.22
CA LYS B 159 14.06 10.96 -14.42
C LYS B 159 15.55 11.29 -14.38
N VAL B 160 16.26 10.64 -13.47
CA VAL B 160 17.69 10.82 -13.30
C VAL B 160 18.44 9.80 -14.15
N GLY B 161 19.36 10.29 -14.98
CA GLY B 161 20.13 9.42 -15.86
C GLY B 161 20.60 8.11 -15.27
N GLY B 162 21.29 8.18 -14.13
CA GLY B 162 21.81 6.99 -13.50
C GLY B 162 20.79 5.91 -13.24
N ASN B 163 19.55 6.31 -12.96
CA ASN B 163 18.46 5.38 -12.70
C ASN B 163 18.30 4.36 -13.82
N TYR B 164 18.54 4.80 -15.04
CA TYR B 164 18.31 3.94 -16.19
C TYR B 164 19.27 2.80 -16.45
N VAL B 165 20.25 2.63 -15.59
CA VAL B 165 21.15 1.50 -15.73
C VAL B 165 20.26 0.29 -15.36
N ASN B 166 19.39 0.50 -14.37
CA ASN B 166 18.47 -0.54 -13.92
C ASN B 166 17.50 -0.86 -15.05
N SER B 167 16.99 0.17 -15.72
CA SER B 167 16.08 -0.01 -16.84
C SER B 167 16.76 -0.69 -18.02
N ALA B 168 17.99 -0.28 -18.30
CA ALA B 168 18.75 -0.86 -19.41
C ALA B 168 18.98 -2.35 -19.19
N LEU B 169 19.38 -2.73 -17.98
CA LEU B 169 19.63 -4.12 -17.66
C LEU B 169 18.35 -4.95 -17.80
N ALA B 170 17.23 -4.42 -17.33
CA ALA B 170 15.96 -5.14 -17.42
C ALA B 170 15.48 -5.28 -18.86
N LYS B 171 15.61 -4.21 -19.64
CA LYS B 171 15.19 -4.23 -21.04
C LYS B 171 16.01 -5.23 -21.86
N MET B 172 17.33 -5.23 -21.66
CA MET B 172 18.20 -6.17 -22.38
C MET B 172 17.82 -7.60 -22.06
N GLU B 173 17.53 -7.87 -20.79
CA GLU B 173 17.16 -9.20 -20.34
C GLU B 173 15.85 -9.65 -21.00
N ALA B 174 14.87 -8.75 -21.01
CA ALA B 174 13.58 -9.07 -21.60
C ALA B 174 13.68 -9.37 -23.09
N VAL B 175 14.42 -8.54 -23.82
CA VAL B 175 14.58 -8.76 -25.26
C VAL B 175 15.34 -10.05 -25.54
N ALA B 176 16.37 -10.32 -24.75
CA ALA B 176 17.16 -11.55 -24.93
C ALA B 176 16.27 -12.77 -24.69
N ALA B 177 15.27 -12.62 -23.84
CA ALA B 177 14.35 -13.71 -23.52
C ALA B 177 13.23 -13.86 -24.54
N GLY B 178 13.21 -12.96 -25.52
CA GLY B 178 12.19 -13.02 -26.55
C GLY B 178 10.95 -12.18 -26.31
N ALA B 179 10.98 -11.34 -25.29
CA ALA B 179 9.85 -10.48 -24.98
C ALA B 179 10.03 -9.09 -25.61
N ASP B 180 8.99 -8.27 -25.54
CA ASP B 180 9.03 -6.92 -26.08
C ASP B 180 9.46 -5.93 -25.02
N GLU B 181 9.12 -6.23 -23.77
CA GLU B 181 9.42 -5.33 -22.68
C GLU B 181 9.56 -6.10 -21.37
N ALA B 182 10.23 -5.48 -20.40
CA ALA B 182 10.42 -6.10 -19.10
C ALA B 182 9.40 -5.61 -18.09
N LEU B 183 9.04 -6.48 -17.16
CA LEU B 183 8.13 -6.13 -16.08
C LEU B 183 9.01 -6.24 -14.83
N LEU B 184 9.30 -5.11 -14.20
CA LEU B 184 10.15 -5.10 -13.01
C LEU B 184 9.30 -5.22 -11.76
N LEU B 185 9.79 -5.95 -10.78
CA LEU B 185 9.10 -6.09 -9.52
C LEU B 185 9.91 -5.23 -8.56
N ASP B 186 9.33 -4.89 -7.40
CA ASP B 186 10.11 -4.13 -6.44
C ASP B 186 10.85 -5.18 -5.62
N GLU B 187 11.73 -4.73 -4.74
CA GLU B 187 12.52 -5.65 -3.94
C GLU B 187 11.69 -6.58 -3.06
N GLU B 188 10.48 -6.16 -2.72
CA GLU B 188 9.58 -6.97 -1.89
C GLU B 188 8.83 -8.04 -2.68
N GLY B 189 8.88 -7.95 -4.01
CA GLY B 189 8.23 -8.94 -4.84
C GLY B 189 6.97 -8.51 -5.55
N TYR B 190 6.52 -7.29 -5.29
CA TYR B 190 5.32 -6.79 -5.95
C TYR B 190 5.65 -6.19 -7.30
N VAL B 191 4.66 -6.11 -8.17
CA VAL B 191 4.87 -5.53 -9.48
C VAL B 191 5.20 -4.06 -9.30
N ALA B 192 6.17 -3.57 -10.07
CA ALA B 192 6.55 -2.16 -10.01
C ALA B 192 6.09 -1.54 -11.33
N GLU B 193 6.92 -1.65 -12.36
CA GLU B 193 6.58 -1.10 -13.66
C GLU B 193 7.50 -1.65 -14.75
N GLY B 194 7.26 -1.22 -15.98
CA GLY B 194 8.12 -1.66 -17.07
C GLY B 194 9.44 -0.92 -17.01
N SER B 195 10.34 -1.16 -17.96
CA SER B 195 11.62 -0.47 -17.94
C SER B 195 11.40 1.03 -18.07
N GLY B 196 10.28 1.42 -18.65
CA GLY B 196 9.98 2.84 -18.79
C GLY B 196 8.50 3.09 -19.03
N GLU B 197 7.65 2.21 -18.51
CA GLU B 197 6.21 2.32 -18.68
C GLU B 197 5.46 1.96 -17.41
N ASN B 198 4.37 2.67 -17.14
CA ASN B 198 3.56 2.37 -15.96
C ASN B 198 2.58 1.27 -16.36
N LEU B 199 2.14 0.49 -15.38
CA LEU B 199 1.23 -0.62 -15.65
C LEU B 199 -0.19 -0.43 -15.12
N PHE B 200 -1.14 -1.05 -15.83
CA PHE B 200 -2.57 -1.05 -15.50
C PHE B 200 -3.07 -2.45 -15.82
N PHE B 201 -4.18 -2.83 -15.20
CA PHE B 201 -4.81 -4.09 -15.54
C PHE B 201 -6.30 -3.90 -15.35
N VAL B 202 -7.10 -4.72 -16.03
CA VAL B 202 -8.55 -4.62 -15.96
C VAL B 202 -9.11 -5.95 -15.48
N ARG B 203 -10.03 -5.89 -14.52
CA ARG B 203 -10.63 -7.11 -14.00
C ARG B 203 -12.10 -6.88 -13.66
N ASP B 204 -12.95 -7.74 -14.20
CA ASP B 204 -14.39 -7.65 -13.98
C ASP B 204 -14.91 -6.23 -14.14
N GLY B 205 -14.58 -5.60 -15.27
CA GLY B 205 -15.05 -4.26 -15.56
C GLY B 205 -14.36 -3.06 -14.91
N VAL B 206 -13.50 -3.32 -13.92
CA VAL B 206 -12.80 -2.23 -13.25
C VAL B 206 -11.38 -2.08 -13.75
N ILE B 207 -10.94 -0.83 -13.92
CA ILE B 207 -9.58 -0.54 -14.36
C ILE B 207 -8.73 -0.30 -13.12
N TYR B 208 -7.62 -1.04 -13.03
CA TYR B 208 -6.71 -0.91 -11.91
C TYR B 208 -5.38 -0.28 -12.29
N ALA B 209 -5.11 0.90 -11.76
CA ALA B 209 -3.84 1.56 -12.01
C ALA B 209 -2.98 1.13 -10.82
N LEU B 210 -1.69 0.90 -11.04
CA LEU B 210 -0.84 0.51 -9.94
C LEU B 210 -0.45 1.74 -9.11
N GLU B 211 -0.32 1.54 -7.80
CA GLU B 211 0.06 2.64 -6.93
C GLU B 211 1.44 3.12 -7.37
N HIS B 212 1.81 4.32 -6.94
CA HIS B 212 3.10 4.86 -7.34
C HIS B 212 4.31 4.10 -6.81
N SER B 213 4.19 3.48 -5.63
CA SER B 213 5.27 2.75 -4.99
C SER B 213 6.64 3.36 -5.33
N VAL B 214 7.51 2.61 -6.01
CA VAL B 214 8.83 3.13 -6.37
C VAL B 214 8.90 3.55 -7.84
N ASN B 215 7.74 3.58 -8.50
CA ASN B 215 7.67 3.94 -9.91
C ASN B 215 7.64 5.43 -10.16
N LEU B 216 7.86 5.81 -11.42
CA LEU B 216 7.82 7.21 -11.77
C LEU B 216 6.35 7.53 -11.95
N GLU B 217 5.94 8.75 -11.61
CA GLU B 217 4.54 9.15 -11.76
C GLU B 217 4.35 9.58 -13.21
N GLY B 218 3.96 8.62 -14.04
CA GLY B 218 3.78 8.92 -15.45
C GLY B 218 2.68 9.90 -15.82
N ILE B 219 2.99 10.77 -16.77
CA ILE B 219 2.04 11.75 -17.25
C ILE B 219 1.03 11.05 -18.17
N THR B 220 1.48 9.99 -18.85
CA THR B 220 0.59 9.24 -19.73
C THR B 220 -0.38 8.48 -18.82
N ARG B 221 0.15 7.92 -17.73
CA ARG B 221 -0.66 7.20 -16.76
C ARG B 221 -1.75 8.13 -16.25
N ASP B 222 -1.36 9.34 -15.86
CA ASP B 222 -2.30 10.34 -15.36
C ASP B 222 -3.35 10.65 -16.44
N SER B 223 -2.90 10.80 -17.68
CA SER B 223 -3.78 11.11 -18.79
C SER B 223 -4.79 9.99 -19.03
N VAL B 224 -4.31 8.76 -18.99
CA VAL B 224 -5.16 7.58 -19.21
C VAL B 224 -6.21 7.44 -18.12
N ILE B 225 -5.84 7.75 -16.89
CA ILE B 225 -6.79 7.64 -15.78
C ILE B 225 -7.90 8.67 -15.96
N ARG B 226 -7.53 9.89 -16.34
CA ARG B 226 -8.52 10.94 -16.55
C ARG B 226 -9.45 10.54 -17.69
N ILE B 227 -8.88 10.05 -18.78
CA ILE B 227 -9.65 9.61 -19.94
C ILE B 227 -10.60 8.48 -19.56
N ALA B 228 -10.07 7.49 -18.83
CA ALA B 228 -10.88 6.35 -18.41
C ALA B 228 -12.08 6.81 -17.57
N LYS B 229 -11.83 7.70 -16.63
CA LYS B 229 -12.90 8.20 -15.79
C LYS B 229 -13.93 8.98 -16.60
N ASP B 230 -13.45 9.76 -17.57
CA ASP B 230 -14.36 10.53 -18.41
C ASP B 230 -15.25 9.63 -19.25
N LEU B 231 -14.73 8.45 -19.63
CA LEU B 231 -15.50 7.51 -20.43
C LEU B 231 -16.50 6.72 -19.58
N GLY B 232 -16.41 6.87 -18.27
CA GLY B 232 -17.34 6.17 -17.40
C GLY B 232 -16.81 4.94 -16.69
N TYR B 233 -15.52 4.66 -16.85
CA TYR B 233 -14.93 3.50 -16.19
C TYR B 233 -14.61 3.76 -14.73
N GLU B 234 -14.69 2.70 -13.93
CA GLU B 234 -14.33 2.82 -12.53
C GLU B 234 -12.83 2.60 -12.50
N VAL B 235 -12.11 3.46 -11.79
CA VAL B 235 -10.67 3.32 -11.69
C VAL B 235 -10.25 3.22 -10.23
N GLN B 236 -9.49 2.18 -9.92
CA GLN B 236 -8.99 1.94 -8.58
C GLN B 236 -7.47 1.91 -8.66
N VAL B 237 -6.79 2.35 -7.61
CA VAL B 237 -5.34 2.35 -7.58
C VAL B 237 -4.94 1.36 -6.51
N VAL B 238 -4.16 0.35 -6.90
CA VAL B 238 -3.78 -0.71 -5.98
C VAL B 238 -2.36 -1.24 -6.17
N ARG B 239 -1.91 -2.02 -5.20
CA ARG B 239 -0.61 -2.66 -5.29
C ARG B 239 -0.97 -4.00 -5.92
N ALA B 240 -0.11 -4.51 -6.78
CA ALA B 240 -0.41 -5.79 -7.44
C ALA B 240 0.74 -6.77 -7.47
N THR B 241 0.38 -8.04 -7.60
CA THR B 241 1.35 -9.13 -7.70
C THR B 241 1.33 -9.62 -9.14
N ARG B 242 2.37 -10.36 -9.53
CA ARG B 242 2.46 -10.88 -10.88
C ARG B 242 1.27 -11.76 -11.23
N ASP B 243 0.80 -12.56 -10.27
CA ASP B 243 -0.33 -13.42 -10.59
C ASP B 243 -1.69 -12.71 -10.62
N GLN B 244 -1.74 -11.47 -10.15
CA GLN B 244 -3.00 -10.74 -10.26
C GLN B 244 -3.07 -10.30 -11.72
N LEU B 245 -1.92 -10.00 -12.31
CA LEU B 245 -1.87 -9.64 -13.72
C LEU B 245 -2.14 -10.87 -14.58
N TYR B 246 -1.58 -12.02 -14.19
CA TYR B 246 -1.81 -13.26 -14.95
C TYR B 246 -3.29 -13.56 -15.15
N MET B 247 -4.10 -13.26 -14.14
CA MET B 247 -5.52 -13.55 -14.22
C MET B 247 -6.39 -12.35 -14.55
N ALA B 248 -5.77 -11.25 -14.96
CA ALA B 248 -6.53 -10.06 -15.31
C ALA B 248 -7.22 -10.28 -16.65
N ASP B 249 -8.28 -9.53 -16.92
CA ASP B 249 -8.97 -9.65 -18.20
C ASP B 249 -8.13 -8.95 -19.24
N GLU B 250 -7.43 -7.90 -18.80
CA GLU B 250 -6.56 -7.11 -19.66
C GLU B 250 -5.44 -6.49 -18.86
N VAL B 251 -4.35 -6.20 -19.55
CA VAL B 251 -3.20 -5.54 -18.95
C VAL B 251 -2.72 -4.57 -20.03
N PHE B 252 -2.29 -3.38 -19.65
CA PHE B 252 -1.74 -2.44 -20.61
C PHE B 252 -0.74 -1.54 -19.90
N MET B 253 0.14 -0.93 -20.68
CA MET B 253 1.14 -0.05 -20.10
C MET B 253 1.11 1.29 -20.79
N THR B 254 1.55 2.32 -20.07
CA THR B 254 1.55 3.67 -20.60
C THR B 254 2.91 4.35 -20.47
N GLY B 255 3.16 5.28 -21.39
CA GLY B 255 4.41 6.02 -21.39
C GLY B 255 4.35 6.96 -22.57
N THR B 256 5.19 7.99 -22.57
CA THR B 256 5.15 8.93 -23.69
C THR B 256 5.44 8.24 -25.02
N ALA B 257 6.44 7.35 -25.03
CA ALA B 257 6.78 6.61 -26.24
C ALA B 257 5.79 5.50 -26.53
N ALA B 258 5.39 4.78 -25.49
CA ALA B 258 4.46 3.66 -25.60
C ALA B 258 2.99 4.04 -25.73
N GLU B 259 2.66 5.30 -25.46
CA GLU B 259 1.27 5.76 -25.50
C GLU B 259 0.47 4.79 -24.62
N VAL B 260 -0.56 4.15 -25.17
CA VAL B 260 -1.31 3.15 -24.40
C VAL B 260 -1.08 1.85 -25.17
N THR B 261 -0.26 0.97 -24.60
CA THR B 261 0.07 -0.30 -25.26
C THR B 261 -0.50 -1.52 -24.56
N PRO B 262 -1.43 -2.22 -25.22
CA PRO B 262 -1.99 -3.41 -24.57
C PRO B 262 -0.94 -4.50 -24.46
N VAL B 263 -1.04 -5.28 -23.38
CA VAL B 263 -0.12 -6.38 -23.12
C VAL B 263 -0.95 -7.65 -23.23
N SER B 264 -0.56 -8.55 -24.13
CA SER B 264 -1.32 -9.77 -24.35
C SER B 264 -0.74 -11.02 -23.68
N MET B 265 0.46 -10.90 -23.14
CA MET B 265 1.09 -12.05 -22.51
C MET B 265 2.17 -11.63 -21.53
N ILE B 266 2.24 -12.31 -20.40
CA ILE B 266 3.26 -12.04 -19.41
C ILE B 266 3.84 -13.38 -18.98
N ASP B 267 5.15 -13.52 -19.07
CA ASP B 267 5.82 -14.77 -18.70
C ASP B 267 5.18 -15.96 -19.43
N TRP B 268 4.97 -15.80 -20.73
CA TRP B 268 4.39 -16.84 -21.57
C TRP B 268 3.00 -17.30 -21.17
N ARG B 269 2.33 -16.51 -20.33
CA ARG B 269 0.99 -16.83 -19.90
C ARG B 269 0.09 -15.78 -20.55
N PRO B 270 -0.86 -16.22 -21.39
CA PRO B 270 -1.74 -15.25 -22.04
C PRO B 270 -2.63 -14.49 -21.08
N ILE B 271 -2.85 -13.22 -21.39
CA ILE B 271 -3.71 -12.38 -20.56
C ILE B 271 -5.08 -12.37 -21.23
N GLY B 272 -6.09 -12.82 -20.51
CA GLY B 272 -7.42 -12.84 -21.09
C GLY B 272 -7.46 -13.61 -22.39
N LYS B 273 -7.96 -12.98 -23.45
CA LYS B 273 -8.08 -13.63 -24.75
C LYS B 273 -6.78 -13.89 -25.50
N GLY B 274 -5.66 -13.38 -25.00
CA GLY B 274 -4.39 -13.60 -25.68
C GLY B 274 -4.04 -12.54 -26.72
N THR B 275 -4.89 -11.52 -26.82
CA THR B 275 -4.66 -10.41 -27.73
C THR B 275 -5.11 -9.18 -26.97
N ALA B 276 -4.95 -8.00 -27.57
CA ALA B 276 -5.38 -6.78 -26.91
C ALA B 276 -6.88 -6.89 -26.67
N GLY B 277 -7.34 -6.33 -25.54
CA GLY B 277 -8.74 -6.37 -25.20
C GLY B 277 -9.42 -5.05 -25.58
N PRO B 278 -10.76 -4.99 -25.54
CA PRO B 278 -11.50 -3.78 -25.89
C PRO B 278 -11.26 -2.52 -25.06
N VAL B 279 -11.02 -2.69 -23.77
CA VAL B 279 -10.80 -1.53 -22.91
C VAL B 279 -9.51 -0.80 -23.27
N ALA B 280 -8.40 -1.54 -23.35
CA ALA B 280 -7.13 -0.92 -23.69
C ALA B 280 -7.16 -0.32 -25.10
N LEU B 281 -7.80 -1.02 -26.03
CA LEU B 281 -7.86 -0.51 -27.40
C LEU B 281 -8.69 0.76 -27.46
N ARG B 282 -9.73 0.84 -26.63
CA ARG B 282 -10.57 2.04 -26.60
C ARG B 282 -9.81 3.19 -25.96
N LEU B 283 -9.13 2.92 -24.85
CA LEU B 283 -8.38 3.97 -24.17
C LEU B 283 -7.28 4.50 -25.08
N ARG B 284 -6.61 3.61 -25.80
CA ARG B 284 -5.56 4.03 -26.71
C ARG B 284 -6.13 4.96 -27.77
N GLU B 285 -7.27 4.59 -28.34
CA GLU B 285 -7.89 5.42 -29.38
C GLU B 285 -8.25 6.81 -28.88
N VAL B 286 -8.90 6.89 -27.72
CA VAL B 286 -9.26 8.19 -27.18
C VAL B 286 -8.00 8.98 -26.84
N TYR B 287 -6.99 8.30 -26.33
CA TYR B 287 -5.73 8.97 -25.99
C TYR B 287 -5.11 9.57 -27.24
N LEU B 288 -5.10 8.80 -28.32
CA LEU B 288 -4.53 9.29 -29.57
C LEU B 288 -5.35 10.45 -30.12
N GLU B 289 -6.67 10.38 -29.95
CA GLU B 289 -7.54 11.45 -30.42
C GLU B 289 -7.23 12.72 -29.64
N ALA B 290 -6.91 12.54 -28.35
CA ALA B 290 -6.58 13.65 -27.48
C ALA B 290 -5.25 14.31 -27.85
N VAL B 291 -4.18 13.51 -27.98
CA VAL B 291 -2.88 14.07 -28.28
C VAL B 291 -2.75 14.67 -29.68
N THR B 292 -3.60 14.24 -30.61
CA THR B 292 -3.55 14.76 -31.97
C THR B 292 -4.58 15.88 -32.21
N GLY B 293 -5.10 16.43 -31.11
CA GLY B 293 -6.04 17.53 -31.20
C GLY B 293 -7.41 17.28 -31.81
N ARG B 294 -7.98 16.12 -31.56
CA ARG B 294 -9.30 15.81 -32.11
C ARG B 294 -10.34 15.72 -31.00
N ARG B 295 -9.94 16.07 -29.77
CA ARG B 295 -10.84 16.03 -28.63
C ARG B 295 -10.87 17.42 -27.97
N PRO B 296 -11.91 18.21 -28.23
CA PRO B 296 -12.00 19.54 -27.63
C PRO B 296 -11.87 19.56 -26.12
N GLU B 297 -12.38 18.54 -25.45
CA GLU B 297 -12.33 18.48 -23.99
C GLU B 297 -10.91 18.34 -23.44
N TYR B 298 -9.97 17.94 -24.29
CA TYR B 298 -8.59 17.76 -23.85
C TYR B 298 -7.62 18.74 -24.47
N GLU B 299 -8.14 19.77 -25.14
CA GLU B 299 -7.28 20.76 -25.79
C GLU B 299 -6.39 21.50 -24.79
N GLY B 300 -6.81 21.53 -23.53
CA GLY B 300 -6.02 22.20 -22.51
C GLY B 300 -4.67 21.54 -22.27
N TRP B 301 -4.55 20.29 -22.70
CA TRP B 301 -3.30 19.53 -22.56
C TRP B 301 -2.32 19.82 -23.69
N LEU B 302 -2.79 20.49 -24.74
CA LEU B 302 -1.94 20.76 -25.89
C LEU B 302 -1.41 22.17 -26.00
N THR B 303 -0.15 22.27 -26.46
CA THR B 303 0.49 23.56 -26.68
C THR B 303 0.86 23.59 -28.16
N TYR B 304 0.18 24.43 -28.93
CA TYR B 304 0.46 24.52 -30.36
C TYR B 304 1.68 25.37 -30.67
N VAL B 305 2.64 24.76 -31.37
CA VAL B 305 3.89 25.42 -31.75
C VAL B 305 3.63 26.60 -32.69
N ASN B 306 2.63 26.47 -33.55
CA ASN B 306 2.25 27.51 -34.49
C ASN B 306 0.95 28.13 -33.99
N GLN C 2 -10.91 -43.21 6.62
CA GLN C 2 -10.63 -42.14 5.61
C GLN C 2 -11.85 -41.25 5.47
N ILE C 3 -11.77 -40.31 4.55
CA ILE C 3 -12.83 -39.37 4.23
C ILE C 3 -13.97 -40.15 3.56
N LYS C 4 -15.21 -39.81 3.90
CA LYS C 4 -16.36 -40.49 3.31
C LYS C 4 -16.82 -39.71 2.09
N ALA C 5 -16.06 -39.83 1.00
CA ALA C 5 -16.35 -39.12 -0.24
C ALA C 5 -17.37 -39.81 -1.13
N GLY C 6 -17.29 -41.13 -1.21
CA GLY C 6 -18.22 -41.87 -2.05
C GLY C 6 -17.76 -41.80 -3.49
N LEU C 7 -18.69 -41.57 -4.39
CA LEU C 7 -18.36 -41.49 -5.81
C LEU C 7 -17.54 -40.24 -6.11
N ILE C 8 -16.40 -40.44 -6.77
CA ILE C 8 -15.50 -39.36 -7.13
C ILE C 8 -15.36 -39.26 -8.64
N TRP C 9 -15.41 -38.04 -9.17
CA TRP C 9 -15.26 -37.82 -10.60
C TRP C 9 -13.76 -37.86 -10.89
N MET C 10 -13.35 -38.80 -11.74
CA MET C 10 -11.93 -38.94 -12.11
C MET C 10 -11.75 -38.77 -13.61
N ASN C 11 -11.20 -37.62 -14.00
CA ASN C 11 -10.97 -37.33 -15.41
C ASN C 11 -12.08 -37.75 -16.36
N GLY C 12 -13.31 -37.30 -16.08
CA GLY C 12 -14.41 -37.62 -16.96
C GLY C 12 -15.49 -38.59 -16.53
N ALA C 13 -15.20 -39.47 -15.57
CA ALA C 13 -16.20 -40.45 -15.13
C ALA C 13 -16.15 -40.68 -13.63
N PHE C 14 -17.30 -40.98 -13.04
CA PHE C 14 -17.37 -41.23 -11.62
C PHE C 14 -16.99 -42.65 -11.30
N VAL C 15 -16.20 -42.80 -10.23
CA VAL C 15 -15.75 -44.11 -9.80
C VAL C 15 -15.79 -44.19 -8.27
N PRO C 16 -15.87 -45.42 -7.73
CA PRO C 16 -15.91 -45.56 -6.27
C PRO C 16 -14.64 -44.93 -5.70
N GLN C 17 -14.74 -44.35 -4.51
CA GLN C 17 -13.61 -43.71 -3.85
C GLN C 17 -12.38 -44.63 -3.88
N GLU C 18 -12.63 -45.91 -3.63
CA GLU C 18 -11.60 -46.94 -3.61
C GLU C 18 -10.73 -46.96 -4.88
N GLU C 19 -11.34 -46.58 -6.00
CA GLU C 19 -10.65 -46.59 -7.29
C GLU C 19 -10.07 -45.22 -7.65
N ALA C 20 -10.33 -44.23 -6.81
CA ALA C 20 -9.84 -42.87 -7.02
C ALA C 20 -8.42 -42.76 -6.51
N LYS C 21 -7.49 -43.38 -7.25
CA LYS C 21 -6.08 -43.38 -6.88
C LYS C 21 -5.23 -42.91 -8.05
N THR C 22 -3.99 -42.52 -7.75
CA THR C 22 -3.05 -42.05 -8.76
C THR C 22 -1.64 -42.54 -8.43
N SER C 23 -0.80 -42.67 -9.44
CA SER C 23 0.56 -43.16 -9.25
C SER C 23 1.36 -42.37 -8.20
N VAL C 24 2.14 -43.09 -7.39
CA VAL C 24 2.96 -42.44 -6.38
C VAL C 24 4.13 -41.73 -7.04
N LEU C 25 4.21 -41.85 -8.37
CA LEU C 25 5.26 -41.19 -9.14
C LEU C 25 4.68 -39.92 -9.78
N SER C 26 3.50 -39.52 -9.33
CA SER C 26 2.87 -38.31 -9.86
C SER C 26 3.66 -37.09 -9.44
N HIS C 27 3.97 -36.25 -10.41
CA HIS C 27 4.73 -35.02 -10.21
C HIS C 27 4.26 -34.23 -8.99
N ALA C 28 2.94 -34.03 -8.89
CA ALA C 28 2.37 -33.26 -7.80
C ALA C 28 2.61 -33.86 -6.42
N LEU C 29 2.81 -35.18 -6.35
CA LEU C 29 3.03 -35.80 -5.05
C LEU C 29 4.47 -35.53 -4.58
N HIS C 30 5.35 -35.21 -5.52
CA HIS C 30 6.75 -34.94 -5.19
C HIS C 30 7.11 -33.48 -5.16
N TYR C 31 6.45 -32.67 -5.98
CA TYR C 31 6.80 -31.26 -6.09
C TYR C 31 5.69 -30.23 -5.84
N GLY C 32 4.57 -30.67 -5.27
CA GLY C 32 3.47 -29.76 -4.96
C GLY C 32 2.77 -29.10 -6.14
N THR C 33 2.96 -29.65 -7.32
CA THR C 33 2.37 -29.09 -8.54
C THR C 33 0.92 -29.48 -8.80
N SER C 34 0.03 -28.98 -7.95
CA SER C 34 -1.40 -29.24 -8.11
C SER C 34 -2.13 -27.95 -7.80
N VAL C 35 -3.42 -27.89 -8.14
CA VAL C 35 -4.23 -26.73 -7.83
C VAL C 35 -5.57 -27.26 -7.34
N PHE C 36 -6.21 -26.54 -6.43
CA PHE C 36 -7.48 -27.02 -5.93
C PHE C 36 -8.41 -25.89 -5.59
N GLU C 37 -9.63 -26.25 -5.22
CA GLU C 37 -10.62 -25.29 -4.82
C GLU C 37 -11.38 -25.87 -3.64
N GLY C 38 -12.10 -24.99 -2.96
CA GLY C 38 -12.92 -25.37 -1.83
C GLY C 38 -14.25 -24.72 -2.14
N ILE C 39 -15.28 -25.55 -2.32
CA ILE C 39 -16.61 -25.03 -2.65
C ILE C 39 -17.61 -25.70 -1.75
N ARG C 40 -18.62 -24.95 -1.32
CA ARG C 40 -19.62 -25.53 -0.46
C ARG C 40 -21.02 -25.50 -1.03
N ALA C 41 -21.80 -26.50 -0.64
CA ALA C 41 -23.18 -26.60 -1.04
C ALA C 41 -23.93 -26.54 0.29
N TYR C 42 -25.00 -25.77 0.34
CA TYR C 42 -25.80 -25.64 1.55
C TYR C 42 -27.22 -26.08 1.23
N GLU C 43 -27.91 -26.63 2.22
CA GLU C 43 -29.28 -27.03 1.99
C GLU C 43 -30.17 -25.80 2.04
N THR C 44 -31.12 -25.72 1.12
CA THR C 44 -32.05 -24.60 1.04
C THR C 44 -33.44 -25.23 0.92
N ALA C 45 -34.48 -24.40 0.92
CA ALA C 45 -35.84 -24.91 0.80
C ALA C 45 -36.02 -25.57 -0.57
N LYS C 46 -35.16 -25.22 -1.52
CA LYS C 46 -35.23 -25.78 -2.86
C LYS C 46 -34.11 -26.78 -3.12
N GLY C 47 -33.65 -27.47 -2.08
CA GLY C 47 -32.59 -28.44 -2.24
C GLY C 47 -31.20 -27.84 -2.11
N PRO C 48 -30.14 -28.64 -2.29
CA PRO C 48 -28.75 -28.17 -2.17
C PRO C 48 -28.42 -27.06 -3.16
N ALA C 49 -27.68 -26.05 -2.70
CA ALA C 49 -27.29 -24.96 -3.56
C ALA C 49 -25.80 -24.71 -3.38
N ILE C 50 -25.06 -24.75 -4.48
CA ILE C 50 -23.62 -24.53 -4.46
C ILE C 50 -23.38 -23.02 -4.45
N PHE C 51 -22.51 -22.57 -3.55
CA PHE C 51 -22.25 -21.14 -3.44
C PHE C 51 -21.15 -20.62 -4.37
N ARG C 52 -21.54 -19.67 -5.22
CA ARG C 52 -20.64 -19.03 -6.19
C ARG C 52 -19.75 -20.01 -6.93
N LEU C 53 -20.40 -20.98 -7.57
CA LEU C 53 -19.74 -22.02 -8.33
C LEU C 53 -18.85 -21.50 -9.46
N LYS C 54 -19.39 -20.60 -10.28
CA LYS C 54 -18.62 -20.08 -11.39
C LYS C 54 -17.38 -19.28 -10.98
N GLU C 55 -17.46 -18.51 -9.89
CA GLU C 55 -16.30 -17.76 -9.43
C GLU C 55 -15.21 -18.73 -8.96
N HIS C 56 -15.62 -19.82 -8.31
CA HIS C 56 -14.64 -20.80 -7.84
C HIS C 56 -14.00 -21.54 -9.01
N VAL C 57 -14.81 -21.88 -10.01
CA VAL C 57 -14.27 -22.59 -11.17
C VAL C 57 -13.32 -21.68 -11.93
N LYS C 58 -13.68 -20.40 -12.04
CA LYS C 58 -12.82 -19.45 -12.72
C LYS C 58 -11.45 -19.39 -12.03
N ARG C 59 -11.46 -19.33 -10.70
CA ARG C 59 -10.20 -19.26 -9.97
C ARG C 59 -9.40 -20.55 -10.13
N PHE C 60 -10.10 -21.68 -10.25
CA PHE C 60 -9.47 -22.98 -10.43
C PHE C 60 -8.62 -22.93 -11.71
N TYR C 61 -9.22 -22.44 -12.80
CA TYR C 61 -8.50 -22.34 -14.06
C TYR C 61 -7.41 -21.28 -13.98
N ASN C 62 -7.67 -20.22 -13.22
CA ASN C 62 -6.68 -19.17 -13.05
C ASN C 62 -5.46 -19.73 -12.31
N SER C 63 -5.70 -20.56 -11.30
CA SER C 63 -4.59 -21.16 -10.56
C SER C 63 -3.76 -22.03 -11.50
N ALA C 64 -4.43 -22.78 -12.37
CA ALA C 64 -3.74 -23.64 -13.32
C ALA C 64 -2.84 -22.81 -14.24
N LYS C 65 -3.35 -21.68 -14.71
CA LYS C 65 -2.55 -20.84 -15.59
C LYS C 65 -1.26 -20.37 -14.92
N VAL C 66 -1.31 -20.13 -13.62
CA VAL C 66 -0.10 -19.69 -12.94
C VAL C 66 1.01 -20.72 -13.07
N LEU C 67 0.64 -22.00 -13.03
CA LEU C 67 1.61 -23.09 -13.14
C LEU C 67 1.79 -23.56 -14.58
N ARG C 68 1.11 -22.89 -15.51
CA ARG C 68 1.16 -23.25 -16.92
C ARG C 68 0.67 -24.69 -17.07
N MET C 69 -0.28 -25.03 -16.21
CA MET C 69 -0.88 -26.36 -16.19
C MET C 69 -2.08 -26.34 -17.12
N GLU C 70 -2.24 -27.41 -17.89
CA GLU C 70 -3.35 -27.51 -18.82
C GLU C 70 -4.43 -28.44 -18.28
N ILE C 71 -5.64 -27.90 -18.12
CA ILE C 71 -6.78 -28.67 -17.65
C ILE C 71 -7.53 -29.08 -18.91
N PRO C 72 -7.51 -30.38 -19.24
CA PRO C 72 -8.15 -30.96 -20.42
C PRO C 72 -9.68 -31.05 -20.42
N PHE C 73 -10.34 -30.12 -19.74
CA PHE C 73 -11.79 -30.10 -19.70
C PHE C 73 -12.22 -28.65 -19.76
N ALA C 74 -13.41 -28.41 -20.31
CA ALA C 74 -13.92 -27.06 -20.39
C ALA C 74 -14.55 -26.73 -19.04
N PRO C 75 -14.53 -25.44 -18.64
CA PRO C 75 -15.12 -25.04 -17.35
C PRO C 75 -16.53 -25.61 -17.18
N GLU C 76 -17.32 -25.51 -18.24
CA GLU C 76 -18.69 -26.03 -18.24
C GLU C 76 -18.74 -27.50 -17.85
N GLU C 77 -17.76 -28.28 -18.31
CA GLU C 77 -17.71 -29.70 -17.97
C GLU C 77 -17.40 -29.88 -16.49
N LEU C 78 -16.46 -29.09 -15.98
CA LEU C 78 -16.10 -29.19 -14.58
C LEU C 78 -17.27 -28.78 -13.70
N GLU C 79 -18.00 -27.76 -14.12
CA GLU C 79 -19.15 -27.29 -13.37
C GLU C 79 -20.22 -28.36 -13.31
N GLU C 80 -20.37 -29.12 -14.39
CA GLU C 80 -21.37 -30.19 -14.42
C GLU C 80 -20.92 -31.31 -13.49
N ALA C 81 -19.62 -31.60 -13.49
CA ALA C 81 -19.08 -32.64 -12.62
C ALA C 81 -19.29 -32.28 -11.15
N ILE C 82 -19.10 -31.00 -10.84
CA ILE C 82 -19.27 -30.53 -9.48
C ILE C 82 -20.72 -30.70 -9.04
N LYS C 83 -21.66 -30.33 -9.92
CA LYS C 83 -23.07 -30.48 -9.60
C LYS C 83 -23.40 -31.96 -9.43
N GLU C 84 -22.82 -32.78 -10.31
CA GLU C 84 -23.05 -34.21 -10.28
C GLU C 84 -22.44 -34.93 -9.08
N VAL C 85 -21.33 -34.42 -8.55
CA VAL C 85 -20.72 -35.06 -7.40
C VAL C 85 -21.65 -34.90 -6.19
N VAL C 86 -22.44 -33.83 -6.21
CA VAL C 86 -23.40 -33.60 -5.13
C VAL C 86 -24.61 -34.51 -5.36
N ARG C 87 -25.16 -34.48 -6.57
CA ARG C 87 -26.34 -35.29 -6.91
C ARG C 87 -26.14 -36.78 -6.66
N ARG C 88 -25.15 -37.34 -7.34
CA ARG C 88 -24.86 -38.76 -7.25
C ARG C 88 -24.63 -39.31 -5.86
N ASN C 89 -24.03 -38.52 -4.98
CA ASN C 89 -23.77 -38.97 -3.63
C ASN C 89 -24.91 -38.65 -2.67
N GLY C 90 -25.94 -37.97 -3.18
CA GLY C 90 -27.09 -37.63 -2.36
C GLY C 90 -26.80 -36.62 -1.26
N TYR C 91 -25.80 -35.77 -1.48
CA TYR C 91 -25.42 -34.75 -0.51
C TYR C 91 -26.39 -33.57 -0.47
N ARG C 92 -26.53 -32.98 0.72
CA ARG C 92 -27.39 -31.80 0.92
C ARG C 92 -26.51 -30.60 1.31
N SER C 93 -25.68 -30.78 2.31
CA SER C 93 -24.74 -29.74 2.74
C SER C 93 -23.40 -30.44 2.71
N CYS C 94 -22.48 -29.98 1.86
CA CYS C 94 -21.20 -30.65 1.74
C CYS C 94 -20.08 -29.73 1.32
N TYR C 95 -18.86 -30.24 1.39
CA TYR C 95 -17.66 -29.50 0.99
C TYR C 95 -17.21 -30.20 -0.29
N ILE C 96 -16.97 -29.42 -1.34
CA ILE C 96 -16.55 -29.95 -2.65
C ILE C 96 -15.10 -29.56 -2.90
N ARG C 97 -14.30 -30.56 -3.28
CA ARG C 97 -12.88 -30.35 -3.52
C ARG C 97 -12.39 -30.74 -4.92
N PRO C 98 -12.37 -29.79 -5.85
CA PRO C 98 -11.89 -30.10 -7.21
C PRO C 98 -10.37 -30.09 -7.08
N LEU C 99 -9.70 -30.92 -7.86
CA LEU C 99 -8.24 -30.97 -7.81
C LEU C 99 -7.67 -31.34 -9.18
N ALA C 100 -6.68 -30.56 -9.61
CA ALA C 100 -6.00 -30.82 -10.87
C ALA C 100 -4.54 -31.00 -10.48
N TRP C 101 -3.92 -32.07 -10.94
CA TRP C 101 -2.53 -32.30 -10.58
C TRP C 101 -1.68 -32.84 -11.72
N MET C 102 -0.39 -32.59 -11.65
CA MET C 102 0.53 -33.08 -12.68
C MET C 102 0.80 -34.55 -12.37
N GLY C 103 0.65 -35.38 -13.39
CA GLY C 103 0.83 -36.82 -13.27
C GLY C 103 2.22 -37.41 -13.31
N ALA C 104 2.29 -38.71 -13.59
CA ALA C 104 3.54 -39.44 -13.61
C ALA C 104 4.27 -39.62 -14.94
N LYS C 105 4.17 -38.66 -15.86
CA LYS C 105 4.88 -38.81 -17.13
C LYS C 105 6.39 -38.69 -16.97
N ALA C 106 6.83 -37.90 -16.00
CA ALA C 106 8.25 -37.67 -15.74
C ALA C 106 8.42 -37.03 -14.37
N LEU C 107 9.63 -37.04 -13.84
CA LEU C 107 9.86 -36.42 -12.55
C LEU C 107 10.94 -35.35 -12.51
N GLY C 108 11.19 -34.73 -13.65
CA GLY C 108 12.13 -33.62 -13.69
C GLY C 108 11.29 -32.55 -13.02
N VAL C 109 11.90 -31.56 -12.37
CA VAL C 109 11.11 -30.55 -11.66
C VAL C 109 10.19 -29.74 -12.59
N ASN C 110 10.59 -29.59 -13.85
CA ASN C 110 9.78 -28.85 -14.82
C ASN C 110 8.51 -29.67 -15.04
N PRO C 111 7.32 -29.07 -14.82
CA PRO C 111 6.07 -29.81 -15.02
C PRO C 111 5.46 -29.81 -16.42
N LEU C 112 5.96 -28.97 -17.31
CA LEU C 112 5.40 -28.90 -18.65
C LEU C 112 5.32 -30.24 -19.38
N PRO C 113 6.36 -31.09 -19.28
CA PRO C 113 6.25 -32.36 -19.99
C PRO C 113 5.16 -33.28 -19.45
N ASN C 114 4.62 -32.94 -18.28
CA ASN C 114 3.58 -33.75 -17.67
C ASN C 114 2.16 -33.37 -18.07
N ASN C 115 2.00 -32.27 -18.81
CA ASN C 115 0.66 -31.85 -19.24
C ASN C 115 0.06 -32.87 -20.20
N PRO C 116 -1.29 -32.96 -20.24
CA PRO C 116 -2.23 -32.19 -19.43
C PRO C 116 -2.39 -32.73 -18.02
N ALA C 117 -2.89 -31.90 -17.12
CA ALA C 117 -3.09 -32.31 -15.76
C ALA C 117 -4.21 -33.33 -15.66
N GLU C 118 -4.18 -34.13 -14.60
CA GLU C 118 -5.23 -35.09 -14.34
C GLU C 118 -6.18 -34.30 -13.44
N VAL C 119 -7.47 -34.59 -13.50
CA VAL C 119 -8.43 -33.83 -12.72
C VAL C 119 -9.41 -34.74 -11.99
N MET C 120 -9.86 -34.28 -10.82
CA MET C 120 -10.80 -35.06 -10.03
C MET C 120 -11.64 -34.12 -9.19
N VAL C 121 -12.87 -34.54 -8.90
CA VAL C 121 -13.76 -33.76 -8.07
C VAL C 121 -14.34 -34.70 -7.01
N ALA C 122 -14.14 -34.35 -5.75
CA ALA C 122 -14.62 -35.16 -4.65
C ALA C 122 -15.41 -34.26 -3.69
N ALA C 123 -16.31 -34.86 -2.92
CA ALA C 123 -17.09 -34.10 -1.96
C ALA C 123 -17.46 -34.97 -0.78
N TRP C 124 -17.80 -34.31 0.33
CA TRP C 124 -18.20 -35.03 1.53
C TRP C 124 -19.12 -34.13 2.35
N GLU C 125 -20.09 -34.74 3.04
CA GLU C 125 -21.04 -33.97 3.82
C GLU C 125 -20.32 -33.10 4.84
N TRP C 126 -20.80 -31.88 4.99
CA TRP C 126 -20.20 -30.94 5.92
C TRP C 126 -20.88 -31.05 7.28
N LYS C 137 -18.28 -17.93 20.82
CA LYS C 137 -17.02 -18.15 21.58
C LYS C 137 -15.89 -17.32 20.97
N GLY C 138 -15.79 -17.36 19.65
CA GLY C 138 -14.74 -16.63 18.96
C GLY C 138 -13.47 -17.43 18.90
N ALA C 139 -12.80 -17.39 17.76
CA ALA C 139 -11.55 -18.11 17.58
C ALA C 139 -10.41 -17.38 18.26
N ARG C 140 -9.41 -18.13 18.70
CA ARG C 140 -8.23 -17.55 19.34
C ARG C 140 -7.10 -17.73 18.34
N LEU C 141 -6.41 -16.64 18.04
CA LEU C 141 -5.31 -16.70 17.08
C LEU C 141 -3.98 -16.38 17.75
N ILE C 142 -2.91 -16.88 17.15
CA ILE C 142 -1.57 -16.57 17.61
C ILE C 142 -0.81 -16.23 16.34
N THR C 143 0.01 -15.18 16.41
CA THR C 143 0.79 -14.78 15.25
C THR C 143 1.88 -15.81 15.04
N SER C 144 1.98 -16.27 13.80
CA SER C 144 2.93 -17.31 13.43
C SER C 144 4.38 -16.84 13.26
N SER C 145 5.31 -17.78 13.40
CA SER C 145 6.72 -17.50 13.23
C SER C 145 7.07 -17.78 11.76
N TRP C 146 6.05 -18.18 10.99
CA TRP C 146 6.22 -18.42 9.56
C TRP C 146 5.51 -17.28 8.84
N ALA C 147 6.21 -16.62 7.93
CA ALA C 147 5.63 -15.52 7.19
C ALA C 147 5.01 -16.02 5.89
N ARG C 148 3.92 -15.40 5.46
CA ARG C 148 3.32 -15.83 4.21
C ARG C 148 4.33 -15.42 3.13
N PHE C 149 4.50 -16.28 2.14
CA PHE C 149 5.46 -16.07 1.07
C PHE C 149 5.32 -14.80 0.24
N PRO C 150 6.44 -14.15 -0.06
CA PRO C 150 6.44 -12.94 -0.87
C PRO C 150 5.82 -13.29 -2.22
N ALA C 151 5.32 -12.28 -2.92
CA ALA C 151 4.65 -12.47 -4.21
C ALA C 151 5.53 -12.94 -5.35
N ASN C 152 6.84 -13.05 -5.11
CA ASN C 152 7.76 -13.52 -6.13
C ASN C 152 8.47 -14.76 -5.64
N VAL C 153 7.88 -15.41 -4.64
CA VAL C 153 8.43 -16.64 -4.07
C VAL C 153 7.47 -17.80 -4.33
N MET C 154 6.19 -17.57 -4.04
CA MET C 154 5.15 -18.57 -4.30
C MET C 154 3.96 -17.72 -4.78
N PRO C 155 3.13 -18.26 -5.68
CA PRO C 155 1.97 -17.54 -6.21
C PRO C 155 0.82 -17.51 -5.21
N GLY C 156 0.82 -16.46 -4.37
CA GLY C 156 -0.20 -16.33 -3.35
C GLY C 156 -1.62 -16.02 -3.77
N LYS C 157 -1.84 -15.79 -5.07
CA LYS C 157 -3.18 -15.51 -5.56
C LYS C 157 -3.80 -16.81 -6.09
N ALA C 158 -3.03 -17.89 -6.07
CA ALA C 158 -3.50 -19.16 -6.56
C ALA C 158 -3.54 -20.22 -5.47
N LYS C 159 -4.46 -21.17 -5.60
CA LYS C 159 -4.55 -22.25 -4.63
C LYS C 159 -3.69 -23.39 -5.17
N VAL C 160 -2.38 -23.21 -5.11
CA VAL C 160 -1.40 -24.18 -5.57
C VAL C 160 -1.01 -25.05 -4.38
N GLY C 161 -1.05 -26.36 -4.58
CA GLY C 161 -0.73 -27.30 -3.52
C GLY C 161 0.50 -27.01 -2.69
N GLY C 162 1.63 -26.79 -3.35
CA GLY C 162 2.88 -26.53 -2.63
C GLY C 162 2.82 -25.34 -1.70
N ASN C 163 1.95 -24.38 -2.00
CA ASN C 163 1.81 -23.20 -1.17
C ASN C 163 1.43 -23.57 0.25
N TYR C 164 0.64 -24.63 0.38
CA TYR C 164 0.14 -25.01 1.70
C TYR C 164 1.08 -25.65 2.70
N VAL C 165 2.34 -25.80 2.30
CA VAL C 165 3.34 -26.31 3.25
C VAL C 165 3.48 -25.16 4.25
N ASN C 166 3.43 -23.93 3.74
CA ASN C 166 3.53 -22.73 4.57
C ASN C 166 2.32 -22.66 5.50
N SER C 167 1.13 -22.91 4.96
CA SER C 167 -0.07 -22.89 5.78
C SER C 167 -0.07 -24.01 6.81
N ALA C 168 0.41 -25.18 6.40
CA ALA C 168 0.47 -26.33 7.29
C ALA C 168 1.38 -26.07 8.48
N LEU C 169 2.55 -25.49 8.22
CA LEU C 169 3.51 -25.19 9.29
C LEU C 169 2.94 -24.17 10.27
N ALA C 170 2.27 -23.16 9.73
CA ALA C 170 1.68 -22.12 10.57
C ALA C 170 0.53 -22.69 11.40
N LYS C 171 -0.32 -23.48 10.76
CA LYS C 171 -1.46 -24.07 11.45
C LYS C 171 -1.01 -24.98 12.59
N MET C 172 -0.02 -25.83 12.34
CA MET C 172 0.48 -26.73 13.38
C MET C 172 1.03 -25.95 14.56
N GLU C 173 1.75 -24.87 14.28
CA GLU C 173 2.33 -24.03 15.32
C GLU C 173 1.26 -23.40 16.20
N ALA C 174 0.22 -22.86 15.55
CA ALA C 174 -0.87 -22.22 16.25
C ALA C 174 -1.56 -23.22 17.17
N VAL C 175 -1.88 -24.39 16.63
CA VAL C 175 -2.57 -25.41 17.41
C VAL C 175 -1.69 -25.92 18.56
N ALA C 176 -0.39 -26.06 18.31
CA ALA C 176 0.51 -26.52 19.36
C ALA C 176 0.62 -25.49 20.46
N ALA C 177 0.42 -24.22 20.11
CA ALA C 177 0.49 -23.12 21.08
C ALA C 177 -0.81 -22.94 21.84
N GLY C 178 -1.79 -23.78 21.53
CA GLY C 178 -3.08 -23.72 22.20
C GLY C 178 -4.13 -22.84 21.54
N ALA C 179 -3.85 -22.34 20.34
CA ALA C 179 -4.80 -21.49 19.63
C ALA C 179 -5.59 -22.31 18.61
N ASP C 180 -6.58 -21.67 17.99
CA ASP C 180 -7.42 -22.32 16.99
C ASP C 180 -6.89 -22.13 15.58
N GLU C 181 -6.24 -21.00 15.34
CA GLU C 181 -5.74 -20.69 14.02
C GLU C 181 -4.52 -19.80 14.09
N ALA C 182 -3.76 -19.76 13.01
CA ALA C 182 -2.55 -18.95 12.96
C ALA C 182 -2.81 -17.64 12.24
N LEU C 183 -2.08 -16.61 12.64
CA LEU C 183 -2.17 -15.32 11.97
C LEU C 183 -0.77 -15.15 11.37
N LEU C 184 -0.67 -15.14 10.05
CA LEU C 184 0.62 -15.00 9.40
C LEU C 184 0.86 -13.54 9.05
N LEU C 185 2.11 -13.11 9.21
CA LEU C 185 2.49 -11.75 8.83
C LEU C 185 3.23 -11.96 7.52
N ASP C 186 3.46 -10.88 6.76
CA ASP C 186 4.24 -11.04 5.55
C ASP C 186 5.70 -10.84 6.00
N GLU C 187 6.65 -10.99 5.08
CA GLU C 187 8.05 -10.87 5.44
C GLU C 187 8.46 -9.50 5.98
N GLU C 188 7.67 -8.49 5.64
CA GLU C 188 7.94 -7.13 6.07
C GLU C 188 7.40 -6.87 7.48
N GLY C 189 6.59 -7.80 7.99
CA GLY C 189 6.09 -7.62 9.34
C GLY C 189 4.63 -7.21 9.47
N TYR C 190 3.96 -6.98 8.34
CA TYR C 190 2.54 -6.60 8.37
C TYR C 190 1.66 -7.83 8.40
N VAL C 191 0.42 -7.66 8.83
CA VAL C 191 -0.49 -8.79 8.87
C VAL C 191 -0.79 -9.23 7.43
N ALA C 192 -0.83 -10.53 7.22
CA ALA C 192 -1.14 -11.08 5.91
C ALA C 192 -2.51 -11.73 6.01
N GLU C 193 -2.56 -12.97 6.47
CA GLU C 193 -3.83 -13.66 6.64
C GLU C 193 -3.66 -14.90 7.49
N GLY C 194 -4.75 -15.65 7.67
CA GLY C 194 -4.68 -16.89 8.44
C GLY C 194 -4.13 -17.99 7.56
N SER C 195 -3.99 -19.20 8.09
CA SER C 195 -3.46 -20.29 7.27
C SER C 195 -4.33 -20.52 6.04
N GLY C 196 -5.59 -20.10 6.13
CA GLY C 196 -6.49 -20.26 5.00
C GLY C 196 -7.72 -19.39 5.13
N GLU C 197 -7.55 -18.23 5.75
CA GLU C 197 -8.66 -17.30 5.94
C GLU C 197 -8.20 -15.87 5.76
N ASN C 198 -9.05 -15.03 5.16
CA ASN C 198 -8.72 -13.62 5.00
C ASN C 198 -9.12 -12.90 6.29
N LEU C 199 -8.44 -11.80 6.59
CA LEU C 199 -8.71 -11.06 7.83
C LEU C 199 -9.40 -9.71 7.66
N PHE C 200 -10.18 -9.37 8.66
CA PHE C 200 -10.93 -8.12 8.75
C PHE C 200 -10.86 -7.65 10.20
N PHE C 201 -11.08 -6.36 10.41
CA PHE C 201 -11.17 -5.85 11.78
C PHE C 201 -12.12 -4.68 11.75
N VAL C 202 -12.67 -4.36 12.90
CA VAL C 202 -13.63 -3.27 13.01
C VAL C 202 -13.14 -2.28 14.04
N ARG C 203 -13.22 -1.01 13.71
CA ARG C 203 -12.78 0.01 14.65
C ARG C 203 -13.65 1.24 14.50
N ASP C 204 -14.27 1.61 15.61
CA ASP C 204 -15.13 2.78 15.66
C ASP C 204 -16.21 2.75 14.56
N GLY C 205 -16.88 1.61 14.43
CA GLY C 205 -17.95 1.48 13.46
C GLY C 205 -17.58 1.21 12.01
N VAL C 206 -16.30 1.31 11.68
CA VAL C 206 -15.86 1.07 10.31
C VAL C 206 -15.28 -0.34 10.16
N ILE C 207 -15.62 -0.99 9.05
CA ILE C 207 -15.09 -2.33 8.80
C ILE C 207 -13.88 -2.21 7.91
N TYR C 208 -12.77 -2.79 8.36
CA TYR C 208 -11.52 -2.75 7.61
C TYR C 208 -11.15 -4.12 7.05
N ALA C 209 -11.13 -4.23 5.73
CA ALA C 209 -10.74 -5.46 5.07
C ALA C 209 -9.26 -5.26 4.75
N LEU C 210 -8.47 -6.30 4.91
CA LEU C 210 -7.05 -6.16 4.60
C LEU C 210 -6.84 -6.16 3.10
N GLU C 211 -5.86 -5.40 2.62
CA GLU C 211 -5.57 -5.35 1.20
C GLU C 211 -5.16 -6.76 0.79
N HIS C 212 -5.17 -7.03 -0.51
CA HIS C 212 -4.82 -8.34 -1.00
C HIS C 212 -3.36 -8.73 -0.73
N SER C 213 -2.47 -7.73 -0.74
CA SER C 213 -1.04 -7.95 -0.53
C SER C 213 -0.59 -9.32 -1.08
N VAL C 214 -0.12 -10.22 -0.22
CA VAL C 214 0.32 -11.55 -0.68
C VAL C 214 -0.71 -12.63 -0.41
N ASN C 215 -1.92 -12.20 -0.05
CA ASN C 215 -3.01 -13.11 0.29
C ASN C 215 -3.83 -13.60 -0.90
N LEU C 216 -4.61 -14.64 -0.69
CA LEU C 216 -5.48 -15.14 -1.74
C LEU C 216 -6.68 -14.18 -1.77
N GLU C 217 -7.24 -13.94 -2.95
CA GLU C 217 -8.39 -13.05 -3.06
C GLU C 217 -9.62 -13.89 -2.73
N GLY C 218 -9.96 -13.94 -1.46
CA GLY C 218 -11.09 -14.75 -1.03
C GLY C 218 -12.44 -14.40 -1.58
N ILE C 219 -13.19 -15.43 -1.95
CA ILE C 219 -14.54 -15.26 -2.45
C ILE C 219 -15.46 -14.97 -1.26
N THR C 220 -15.14 -15.52 -0.09
CA THR C 220 -15.94 -15.27 1.10
C THR C 220 -15.69 -13.82 1.52
N ARG C 221 -14.44 -13.37 1.42
CA ARG C 221 -14.07 -12.00 1.74
C ARG C 221 -14.88 -11.06 0.85
N ASP C 222 -14.95 -11.39 -0.44
CA ASP C 222 -15.69 -10.57 -1.39
C ASP C 222 -17.17 -10.54 -1.04
N SER C 223 -17.71 -11.71 -0.70
CA SER C 223 -19.13 -11.81 -0.35
C SER C 223 -19.44 -11.00 0.91
N VAL C 224 -18.56 -11.09 1.89
CA VAL C 224 -18.73 -10.36 3.14
C VAL C 224 -18.67 -8.85 2.94
N ILE C 225 -17.79 -8.38 2.06
CA ILE C 225 -17.69 -6.95 1.83
C ILE C 225 -18.98 -6.46 1.18
N ARG C 226 -19.49 -7.21 0.21
CA ARG C 226 -20.73 -6.82 -0.44
C ARG C 226 -21.87 -6.80 0.58
N ILE C 227 -21.96 -7.85 1.37
CA ILE C 227 -23.00 -7.94 2.38
C ILE C 227 -22.89 -6.76 3.36
N ALA C 228 -21.68 -6.49 3.83
CA ALA C 228 -21.47 -5.39 4.76
C ALA C 228 -21.93 -4.06 4.17
N LYS C 229 -21.54 -3.80 2.93
CA LYS C 229 -21.94 -2.56 2.28
C LYS C 229 -23.46 -2.51 2.13
N ASP C 230 -24.06 -3.64 1.75
CA ASP C 230 -25.51 -3.70 1.58
C ASP C 230 -26.25 -3.43 2.89
N LEU C 231 -25.64 -3.81 4.01
CA LEU C 231 -26.23 -3.59 5.33
C LEU C 231 -26.05 -2.15 5.79
N GLY C 232 -25.21 -1.40 5.07
CA GLY C 232 -24.99 0.00 5.42
C GLY C 232 -23.67 0.32 6.11
N TYR C 233 -22.79 -0.66 6.22
CA TYR C 233 -21.50 -0.43 6.86
C TYR C 233 -20.52 0.25 5.92
N GLU C 234 -19.65 1.09 6.47
CA GLU C 234 -18.63 1.71 5.67
C GLU C 234 -17.50 0.67 5.66
N VAL C 235 -16.95 0.38 4.49
CA VAL C 235 -15.87 -0.60 4.39
C VAL C 235 -14.65 0.04 3.74
N GLN C 236 -13.51 -0.07 4.42
CA GLN C 236 -12.25 0.47 3.93
C GLN C 236 -11.27 -0.70 3.76
N VAL C 237 -10.37 -0.59 2.80
CA VAL C 237 -9.39 -1.65 2.56
C VAL C 237 -8.01 -1.07 2.90
N VAL C 238 -7.35 -1.67 3.88
CA VAL C 238 -6.06 -1.16 4.34
C VAL C 238 -5.02 -2.24 4.63
N ARG C 239 -3.79 -1.78 4.86
CA ARG C 239 -2.67 -2.63 5.24
C ARG C 239 -2.77 -2.51 6.76
N ALA C 240 -2.46 -3.58 7.49
CA ALA C 240 -2.57 -3.53 8.93
C ALA C 240 -1.44 -4.19 9.69
N THR C 241 -1.20 -3.73 10.91
CA THR C 241 -0.16 -4.29 11.76
C THR C 241 -0.86 -5.13 12.83
N ARG C 242 -0.08 -5.94 13.53
CA ARG C 242 -0.65 -6.79 14.56
C ARG C 242 -1.28 -5.97 15.67
N ASP C 243 -0.63 -4.88 16.06
CA ASP C 243 -1.20 -4.07 17.13
C ASP C 243 -2.41 -3.25 16.71
N GLN C 244 -2.65 -3.12 15.41
CA GLN C 244 -3.85 -2.42 14.98
C GLN C 244 -4.99 -3.40 15.26
N LEU C 245 -4.71 -4.69 15.13
CA LEU C 245 -5.72 -5.71 15.42
C LEU C 245 -5.94 -5.79 16.92
N TYR C 246 -4.87 -5.79 17.70
CA TYR C 246 -4.97 -5.86 19.16
C TYR C 246 -5.90 -4.78 19.71
N MET C 247 -5.87 -3.60 19.09
CA MET C 247 -6.68 -2.46 19.53
C MET C 247 -8.03 -2.32 18.83
N ALA C 248 -8.34 -3.23 17.92
CA ALA C 248 -9.61 -3.16 17.19
C ALA C 248 -10.79 -3.49 18.09
N ASP C 249 -11.98 -3.04 17.71
CA ASP C 249 -13.16 -3.34 18.49
C ASP C 249 -13.55 -4.79 18.21
N GLU C 250 -13.26 -5.23 16.99
CA GLU C 250 -13.53 -6.60 16.56
C GLU C 250 -12.54 -7.02 15.50
N VAL C 251 -12.37 -8.34 15.38
CA VAL C 251 -11.51 -8.92 14.37
C VAL C 251 -12.25 -10.18 13.93
N PHE C 252 -12.24 -10.47 12.63
CA PHE C 252 -12.86 -11.70 12.16
C PHE C 252 -12.17 -12.16 10.89
N MET C 253 -12.36 -13.42 10.56
CA MET C 253 -11.73 -13.98 9.37
C MET C 253 -12.77 -14.69 8.50
N THR C 254 -12.49 -14.76 7.20
CA THR C 254 -13.41 -15.37 6.26
C THR C 254 -12.76 -16.44 5.39
N GLY C 255 -13.58 -17.40 4.98
CA GLY C 255 -13.09 -18.47 4.14
C GLY C 255 -14.26 -19.39 3.84
N THR C 256 -14.15 -20.20 2.80
CA THR C 256 -15.24 -21.09 2.46
C THR C 256 -15.58 -22.01 3.62
N ALA C 257 -14.55 -22.57 4.25
CA ALA C 257 -14.77 -23.47 5.38
C ALA C 257 -15.08 -22.69 6.66
N ALA C 258 -14.42 -21.56 6.85
CA ALA C 258 -14.60 -20.75 8.04
C ALA C 258 -15.81 -19.81 7.99
N GLU C 259 -16.41 -19.68 6.81
CA GLU C 259 -17.54 -18.77 6.66
C GLU C 259 -17.06 -17.45 7.23
N VAL C 260 -17.79 -16.89 8.19
CA VAL C 260 -17.36 -15.66 8.85
C VAL C 260 -17.12 -16.11 10.29
N THR C 261 -15.86 -16.12 10.72
CA THR C 261 -15.54 -16.55 12.07
C THR C 261 -14.99 -15.40 12.91
N PRO C 262 -15.71 -15.02 13.97
CA PRO C 262 -15.20 -13.92 14.80
C PRO C 262 -13.93 -14.34 15.54
N VAL C 263 -13.05 -13.38 15.79
CA VAL C 263 -11.80 -13.63 16.50
C VAL C 263 -11.87 -12.86 17.82
N SER C 264 -11.91 -13.60 18.92
CA SER C 264 -12.01 -12.97 20.25
C SER C 264 -10.69 -12.69 20.94
N MET C 265 -9.61 -13.30 20.47
CA MET C 265 -8.30 -13.11 21.09
C MET C 265 -7.16 -13.36 20.12
N ILE C 266 -6.12 -12.54 20.22
CA ILE C 266 -4.93 -12.70 19.39
C ILE C 266 -3.72 -12.55 20.31
N ASP C 267 -2.85 -13.55 20.28
CA ASP C 267 -1.64 -13.53 21.12
C ASP C 267 -1.98 -13.31 22.59
N TRP C 268 -3.01 -14.01 23.05
CA TRP C 268 -3.45 -13.94 24.43
C TRP C 268 -3.91 -12.55 24.86
N ARG C 269 -4.14 -11.68 23.88
CA ARG C 269 -4.61 -10.34 24.15
C ARG C 269 -6.06 -10.30 23.66
N PRO C 270 -7.02 -10.05 24.57
CA PRO C 270 -8.43 -10.01 24.17
C PRO C 270 -8.73 -8.90 23.18
N ILE C 271 -9.60 -9.21 22.22
CA ILE C 271 -9.99 -8.23 21.21
C ILE C 271 -11.29 -7.60 21.69
N GLY C 272 -11.24 -6.30 21.97
CA GLY C 272 -12.43 -5.61 22.43
C GLY C 272 -12.99 -6.24 23.69
N LYS C 273 -14.22 -6.73 23.60
CA LYS C 273 -14.92 -7.37 24.71
C LYS C 273 -14.32 -8.72 25.11
N GLY C 274 -13.47 -9.28 24.24
CA GLY C 274 -12.88 -10.56 24.57
C GLY C 274 -13.75 -11.72 24.13
N THR C 275 -14.84 -11.41 23.45
CA THR C 275 -15.77 -12.41 22.93
C THR C 275 -16.22 -11.96 21.55
N ALA C 276 -16.97 -12.82 20.87
CA ALA C 276 -17.46 -12.49 19.53
C ALA C 276 -18.26 -11.19 19.57
N GLY C 277 -17.95 -10.28 18.65
CA GLY C 277 -18.63 -9.00 18.61
C GLY C 277 -19.84 -8.96 17.69
N PRO C 278 -20.67 -7.92 17.81
CA PRO C 278 -21.89 -7.74 17.00
C PRO C 278 -21.72 -7.69 15.49
N VAL C 279 -20.70 -6.99 15.01
CA VAL C 279 -20.51 -6.88 13.57
C VAL C 279 -20.19 -8.24 12.93
N ALA C 280 -19.20 -8.95 13.48
CA ALA C 280 -18.82 -10.24 12.95
C ALA C 280 -19.97 -11.24 13.02
N LEU C 281 -20.67 -11.26 14.14
CA LEU C 281 -21.79 -12.18 14.33
C LEU C 281 -22.91 -11.91 13.34
N ARG C 282 -23.17 -10.64 13.07
CA ARG C 282 -24.21 -10.26 12.13
C ARG C 282 -23.84 -10.62 10.69
N LEU C 283 -22.60 -10.33 10.30
CA LEU C 283 -22.18 -10.65 8.95
C LEU C 283 -22.23 -12.15 8.74
N ARG C 284 -21.87 -12.90 9.76
CA ARG C 284 -21.90 -14.35 9.68
C ARG C 284 -23.33 -14.84 9.48
N GLU C 285 -24.25 -14.32 10.29
CA GLU C 285 -25.65 -14.73 10.17
C GLU C 285 -26.26 -14.37 8.83
N VAL C 286 -26.01 -13.14 8.36
CA VAL C 286 -26.56 -12.72 7.08
C VAL C 286 -25.93 -13.53 5.95
N TYR C 287 -24.67 -13.91 6.12
CA TYR C 287 -24.00 -14.72 5.12
C TYR C 287 -24.67 -16.10 5.06
N LEU C 288 -24.97 -16.67 6.23
CA LEU C 288 -25.63 -17.96 6.27
C LEU C 288 -27.01 -17.88 5.64
N GLU C 289 -27.67 -16.74 5.81
CA GLU C 289 -29.00 -16.54 5.24
C GLU C 289 -28.89 -16.47 3.72
N ALA C 290 -27.79 -15.89 3.23
CA ALA C 290 -27.59 -15.77 1.81
C ALA C 290 -27.31 -17.13 1.16
N VAL C 291 -26.40 -17.89 1.74
CA VAL C 291 -26.03 -19.19 1.18
C VAL C 291 -27.13 -20.24 1.29
N THR C 292 -28.10 -20.03 2.19
CA THR C 292 -29.20 -21.00 2.33
C THR C 292 -30.44 -20.53 1.58
N GLY C 293 -30.26 -19.55 0.69
CA GLY C 293 -31.33 -19.04 -0.12
C GLY C 293 -32.45 -18.25 0.53
N ARG C 294 -32.17 -17.54 1.62
CA ARG C 294 -33.21 -16.77 2.29
C ARG C 294 -33.20 -15.30 1.88
N ARG C 295 -32.19 -14.89 1.12
CA ARG C 295 -32.08 -13.49 0.70
C ARG C 295 -32.17 -13.37 -0.83
N PRO C 296 -33.32 -12.93 -1.35
CA PRO C 296 -33.49 -12.78 -2.80
C PRO C 296 -32.35 -12.01 -3.46
N GLU C 297 -31.89 -10.96 -2.78
CA GLU C 297 -30.81 -10.11 -3.28
C GLU C 297 -29.52 -10.88 -3.64
N TYR C 298 -29.31 -12.03 -3.00
CA TYR C 298 -28.11 -12.83 -3.25
C TYR C 298 -28.35 -14.13 -3.99
N GLU C 299 -29.55 -14.30 -4.53
CA GLU C 299 -29.90 -15.51 -5.27
C GLU C 299 -28.93 -15.75 -6.42
N GLY C 300 -28.40 -14.66 -6.98
CA GLY C 300 -27.47 -14.78 -8.09
C GLY C 300 -26.23 -15.60 -7.76
N TRP C 301 -25.86 -15.66 -6.49
CA TRP C 301 -24.69 -16.41 -6.04
C TRP C 301 -24.93 -17.92 -5.90
N LEU C 302 -26.18 -18.34 -6.01
CA LEU C 302 -26.51 -19.75 -5.83
C LEU C 302 -26.80 -20.57 -7.08
N THR C 303 -26.36 -21.82 -7.05
CA THR C 303 -26.59 -22.74 -8.15
C THR C 303 -27.33 -23.93 -7.55
N TYR C 304 -28.63 -24.00 -7.84
CA TYR C 304 -29.42 -25.10 -7.31
C TYR C 304 -29.15 -26.38 -8.08
N VAL C 305 -28.67 -27.38 -7.36
CA VAL C 305 -28.34 -28.66 -7.97
C VAL C 305 -29.54 -29.36 -8.58
N ASN C 306 -30.68 -29.30 -7.90
CA ASN C 306 -31.89 -29.94 -8.42
C ASN C 306 -32.68 -28.98 -9.31
#